data_8VYB
#
_entry.id   8VYB
#
_cell.length_a   1.00
_cell.length_b   1.00
_cell.length_c   1.00
_cell.angle_alpha   90.00
_cell.angle_beta   90.00
_cell.angle_gamma   90.00
#
_symmetry.space_group_name_H-M   'P 1'
#
loop_
_entity.id
_entity.type
_entity.pdbx_description
1 polymer 'Isoform 2 of Rab3 GTPase-activating protein catalytic subunit'
2 polymer 'Rab3 GTPase-activating protein non-catalytic subunit'
#
loop_
_entity_poly.entity_id
_entity_poly.type
_entity_poly.pdbx_seq_one_letter_code
_entity_poly.pdbx_strand_id
1 'polypeptide(L)'
;MWSHPQFEKGGGSGGGSGGGSWSHPQFEKLEVLFQGPRSEARGIQRPTSTMAADSEPESEVFEITDFTTASEWERFISKV
EEVLNDWKLIGNSLGKPLEKGIFTSGTWEEKSDEISFADFKFSVTHHYLVQESTDKEGKDELLEDVVPQSMQDLLGMNND
FPPRAHCLVRWYGLREFVVIAPAAHSDAVLSESKCNLLLSSVSIALGNTGCQVPLFVQIHHKWRRMYVGECQGPGVRTDF
EMVHLRKVPNQYTHLSGLLDIFKSKIGCPLTPLPPVSIAIRFTYVLQDWQQYFWPQQPPDIDALVGGEVGGLEFGKLPFG
ACEDPISELHLATTWPHLTEGIIVDNDVYSDLDPIQAPHWSVRVRKAENPQCLLGDFVTEFFKICRRKESTDEILGRSAF
EEEGKETADITHALSKLTEPASVPIHKLSVSNMVHTAKKKIRKHRGVEESPLNNDVLNTILLFLFPDAVSEKPLDGTTST
DNNNPPSESEDYNLYNQFKSAPSDSLTYKLALCLCMINFYHGGLKGVAHLWQEFVLEMRFRWENNFLIPGLASGPPDLRC
CLLHQKLQMLNCCIERKKARDEGKKTSASDVTNIYPGDAGKAGDQLVPDNLKETDKEKGEVGKSWDSWSDSEEEFFECLS
DTEELKGNGQESGKKGGPKEMANLRPEGRLYQHGKLTLLHNGEPLYIPVTQEPAPMTEDLLEEQSEVLAKLGTSAEGAHL
RARMQSACLLSDMESFKAANPGCSLEDFVRWYSPRDYIEEEVIDEKGNVVLKGELSARMKIPSNMWVEAWETAKPIPARR
QRRLFDDTREAEKVLHYLAIQKPADLARHLLPCVIHAAVLKVKEEESLENISSVKKIIKQIISHSSKVLHFPNPEDKKLE
EIIHQITNVEALIARARSLKAKFGTEKCEQEEEKEDLERFVSCLLEQPEVLVTGAGRGHAGRIIHKLFVNAQRLTESSDE
AAAMTPPEEELKRMGSPEERRQNSVSDFPPPAGREFILRTTVPRPAPYSKALPQRMYSVLTKEDFRLAGAFSSDTSFF
;
A
2 'polypeptide(L)'
;MACSIVQFCYFQDLQAARDFLFPHLREEILSGALRRDPSKSTDWEDDGWGAWEENEPQEPEEEGNTCKTQKTSWLQDCVL
SLSPTNDLMVIAREQKAVFLVPKWKYSDKGKEEMQFAVGWSGSLNVEEGECVTSALCIPLASQKRSSTGRPDWTCIVVGF
TSGYVRFYTENGVLLLAQLLNEDPVLQLKCRTYEIPRHPGVTEQNEELSILYPAAIVTIDGFSLFQSLRACRNQVAKAAA
SGNENIQPPPLAYKKWGLQDIDTIIDHASVGIMTLSPFDQMKTASNIGGFNAAIKNSPPAMSQYITVGSNPFTGFFYALE
GSTQPLLSHVALAVASKLTSALFNAASGWLGWKSKHEEEAVQKQKPKVEPATPLAVRFGLPDSRRHGESICLSPCNTLAA
VTDDFGRVILLDVARGIAIRMWKGYRDAQIGWIQTVEDLHERVPEKADFSPFGNSQGPSRVAQFLVIYAPRRGILEVWST
QQGPRVGAFNVGKHCRLLYPGYKIMGLNNVTSQSWQPQTYQICLVDPVSGSVKTVNVPFHLALSDKKLREQKLELGGSGG
RQLDYKDHDGDYKDHDIDYKDDDDK
;
B
#
# COMPACT_ATOMS: atom_id res chain seq x y z
N THR A 69 -9.62 8.15 24.92
CA THR A 69 -9.87 7.24 23.81
C THR A 69 -9.45 5.81 24.17
N ALA A 70 -8.26 5.42 23.70
CA ALA A 70 -7.64 4.15 24.05
C ALA A 70 -8.56 2.96 23.76
N SER A 71 -9.30 3.02 22.65
CA SER A 71 -10.05 1.86 22.21
C SER A 71 -9.08 0.75 21.78
N GLU A 72 -9.64 -0.42 21.46
CA GLU A 72 -8.80 -1.59 21.21
C GLU A 72 -7.81 -1.36 20.08
N TRP A 73 -8.27 -0.78 18.98
CA TRP A 73 -7.35 -0.46 17.86
C TRP A 73 -6.29 0.54 18.35
N GLU A 74 -6.73 1.60 19.04
CA GLU A 74 -5.80 2.64 19.54
C GLU A 74 -4.85 2.01 20.58
N ARG A 75 -5.39 1.14 21.44
CA ARG A 75 -4.55 0.42 22.44
C ARG A 75 -3.43 -0.29 21.69
N PHE A 76 -3.78 -1.03 20.64
CA PHE A 76 -2.77 -1.73 19.82
C PHE A 76 -1.74 -0.71 19.31
N ILE A 77 -2.22 0.41 18.77
CA ILE A 77 -1.32 1.42 18.23
C ILE A 77 -0.39 1.95 19.32
N SER A 78 -0.94 2.25 20.50
CA SER A 78 -0.12 2.75 21.60
C SER A 78 0.90 1.72 22.06
N LYS A 79 0.49 0.45 22.11
CA LYS A 79 1.42 -0.60 22.48
C LYS A 79 2.57 -0.71 21.48
N VAL A 80 2.26 -0.55 20.19
CA VAL A 80 3.32 -0.61 19.19
C VAL A 80 4.28 0.55 19.34
N GLU A 81 3.73 1.75 19.62
CA GLU A 81 4.60 2.92 19.88
C GLU A 81 5.56 2.57 21.01
N GLU A 82 5.04 1.95 22.08
CA GLU A 82 5.88 1.59 23.26
C GLU A 82 6.97 0.60 22.83
N VAL A 83 6.58 -0.48 22.16
CA VAL A 83 7.57 -1.54 21.77
C VAL A 83 8.65 -0.92 20.89
N LEU A 84 8.31 0.12 20.11
CA LEU A 84 9.32 0.72 19.25
C LEU A 84 10.16 1.75 19.99
N ASN A 85 9.57 2.46 20.95
CA ASN A 85 10.32 3.49 21.66
C ASN A 85 11.26 2.89 22.70
N ASP A 86 10.90 1.75 23.29
CA ASP A 86 11.78 1.14 24.28
C ASP A 86 13.10 0.71 23.64
N TRP A 87 13.07 0.32 22.37
CA TRP A 87 14.29 -0.21 21.69
C TRP A 87 15.15 0.92 21.13
N LYS A 88 14.71 2.17 21.23
CA LYS A 88 15.49 3.33 20.78
C LYS A 88 15.74 3.30 19.27
N LEU A 89 14.75 2.83 18.52
CA LEU A 89 14.82 2.85 17.06
C LEU A 89 14.43 4.19 16.47
N ILE A 90 14.03 5.15 17.30
CA ILE A 90 13.58 6.45 16.81
C ILE A 90 14.76 7.29 16.36
N GLY A 91 14.58 8.02 15.26
CA GLY A 91 15.58 8.95 14.79
C GLY A 91 16.30 8.45 13.55
N ASN A 92 17.14 9.33 13.03
CA ASN A 92 17.95 9.01 11.85
C ASN A 92 19.16 8.17 12.24
N SER A 93 19.69 7.46 11.24
CA SER A 93 20.89 6.65 11.41
C SER A 93 21.84 6.91 10.25
N LEU A 94 23.14 6.79 10.52
CA LEU A 94 24.15 6.96 9.48
C LEU A 94 25.33 6.04 9.84
N GLY A 95 25.66 5.14 8.91
CA GLY A 95 26.74 4.21 9.13
C GLY A 95 27.70 4.13 7.95
N LYS A 96 28.25 2.94 7.70
CA LYS A 96 29.20 2.70 6.63
C LYS A 96 28.63 1.72 5.61
N PRO A 97 28.97 1.87 4.33
CA PRO A 97 28.51 0.90 3.33
C PRO A 97 29.02 -0.50 3.63
N LEU A 98 28.18 -1.49 3.36
CA LEU A 98 28.51 -2.87 3.70
C LEU A 98 29.45 -3.47 2.66
N GLU A 99 30.49 -4.13 3.15
CA GLU A 99 31.48 -4.76 2.27
C GLU A 99 30.97 -6.13 1.82
N LYS A 100 31.79 -6.83 1.04
CA LYS A 100 31.37 -8.12 0.49
C LYS A 100 31.35 -9.18 1.59
N GLY A 101 30.27 -9.97 1.61
CA GLY A 101 30.21 -11.11 2.50
C GLY A 101 30.00 -10.79 3.96
N ILE A 102 29.70 -9.52 4.27
CA ILE A 102 29.42 -9.12 5.68
C ILE A 102 28.24 -9.94 6.18
N PHE A 103 27.22 -10.15 5.34
CA PHE A 103 26.04 -10.91 5.75
C PHE A 103 26.42 -12.33 6.16
N THR A 104 27.47 -12.89 5.57
CA THR A 104 27.88 -14.26 5.88
C THR A 104 28.87 -14.30 7.04
N SER A 105 30.00 -13.61 6.89
CA SER A 105 31.04 -13.64 7.92
C SER A 105 30.58 -12.99 9.23
N GLY A 106 29.61 -12.07 9.16
CA GLY A 106 29.12 -11.42 10.36
C GLY A 106 28.16 -12.29 11.12
N THR A 107 27.65 -11.75 12.24
CA THR A 107 26.65 -12.48 13.05
C THR A 107 25.41 -11.58 13.20
N TRP A 108 24.26 -12.16 13.53
CA TRP A 108 23.01 -11.36 13.63
C TRP A 108 22.38 -11.55 15.02
N GLU A 109 22.22 -10.45 15.76
CA GLU A 109 21.60 -10.52 17.11
C GLU A 109 20.09 -10.32 16.98
N GLU A 110 19.34 -10.66 18.02
CA GLU A 110 17.86 -10.56 17.96
C GLU A 110 17.30 -10.23 19.35
N LYS A 111 16.14 -9.56 19.43
CA LYS A 111 15.50 -9.25 20.73
C LYS A 111 13.99 -9.47 20.58
N SER A 112 13.34 -10.30 21.42
CA SER A 112 11.85 -10.47 21.33
C SER A 112 11.04 -9.70 22.40
N ASP A 113 9.70 -9.74 22.31
CA ASP A 113 8.80 -9.01 23.25
C ASP A 113 7.37 -9.43 22.92
N GLU A 114 6.40 -9.24 23.82
CA GLU A 114 5.04 -9.75 23.48
C GLU A 114 4.00 -8.61 23.51
N ILE A 115 3.00 -8.62 22.60
CA ILE A 115 1.96 -7.57 22.69
C ILE A 115 0.61 -8.19 22.34
N SER A 116 -0.48 -7.74 22.99
CA SER A 116 -1.80 -8.27 22.66
C SER A 116 -2.82 -7.17 22.96
N PHE A 117 -3.62 -6.77 21.97
CA PHE A 117 -4.51 -5.65 22.20
C PHE A 117 -5.83 -6.09 22.82
N ALA A 118 -6.55 -7.03 22.20
CA ALA A 118 -7.76 -7.53 22.85
C ALA A 118 -7.70 -9.01 23.19
N ASP A 119 -7.58 -9.88 22.18
CA ASP A 119 -7.44 -11.31 22.40
C ASP A 119 -6.19 -11.86 21.74
N PHE A 120 -6.03 -11.50 20.46
CA PHE A 120 -4.91 -12.01 19.63
C PHE A 120 -3.56 -11.64 20.23
N LYS A 121 -2.65 -12.63 20.29
CA LYS A 121 -1.33 -12.42 20.87
C LYS A 121 -0.27 -12.35 19.77
N PHE A 122 0.60 -11.34 19.84
CA PHE A 122 1.60 -11.13 18.77
C PHE A 122 3.01 -11.10 19.35
N SER A 123 3.99 -11.61 18.60
CA SER A 123 5.40 -11.61 19.05
C SER A 123 6.20 -10.60 18.24
N VAL A 124 6.74 -9.57 18.90
CA VAL A 124 7.57 -8.53 18.20
C VAL A 124 9.02 -9.00 18.20
N THR A 125 9.56 -9.32 17.02
CA THR A 125 10.96 -9.83 16.93
C THR A 125 11.81 -8.87 16.09
N HIS A 126 12.81 -8.24 16.72
CA HIS A 126 13.72 -7.31 15.98
C HIS A 126 15.03 -8.04 15.69
N HIS A 127 15.44 -8.05 14.41
CA HIS A 127 16.71 -8.72 14.02
C HIS A 127 17.67 -7.67 13.46
N TYR A 128 18.96 -7.76 13.80
CA TYR A 128 19.92 -6.71 13.38
C TYR A 128 21.30 -7.30 13.19
N LEU A 129 22.11 -6.67 12.32
CA LEU A 129 23.49 -7.16 12.06
C LEU A 129 24.46 -6.39 12.94
N VAL A 130 25.46 -7.08 13.52
CA VAL A 130 26.47 -6.40 14.37
C VAL A 130 27.24 -5.39 13.52
N GLN A 131 27.44 -4.17 14.03
CA GLN A 131 28.18 -3.12 13.29
C GLN A 131 29.21 -2.46 14.23
N GLU A 132 30.50 -2.64 13.95
CA GLU A 132 31.54 -2.08 14.80
C GLU A 132 31.77 -0.62 14.42
N SER A 133 30.77 0.21 14.73
CA SER A 133 30.87 1.65 14.49
C SER A 133 31.99 2.25 15.30
N THR A 134 33.04 2.71 14.63
CA THR A 134 34.23 3.19 15.33
C THR A 134 34.08 4.65 15.77
N ASP A 135 33.80 5.55 14.83
CA ASP A 135 33.71 6.97 15.13
C ASP A 135 32.34 7.32 15.69
N LYS A 136 32.32 7.94 16.87
CA LYS A 136 31.10 8.41 17.48
C LYS A 136 31.09 9.91 17.75
N GLU A 137 32.18 10.62 17.44
CA GLU A 137 32.23 12.06 17.66
C GLU A 137 31.21 12.79 16.79
N GLY A 138 30.82 12.18 15.66
CA GLY A 138 29.83 12.76 14.78
C GLY A 138 28.51 12.99 15.49
N LYS A 139 28.03 14.23 15.47
CA LYS A 139 26.82 14.61 16.19
C LYS A 139 25.59 14.44 15.31
N ASP A 140 25.49 13.26 14.71
CA ASP A 140 24.39 12.91 13.80
C ASP A 140 24.25 13.97 12.71
N GLU A 141 25.33 14.18 11.95
CA GLU A 141 25.33 15.18 10.90
C GLU A 141 24.24 14.88 9.88
N LEU A 142 23.43 15.89 9.58
CA LEU A 142 22.27 15.73 8.71
C LEU A 142 22.36 16.73 7.55
N LEU A 143 22.00 16.26 6.36
CA LEU A 143 21.98 17.07 5.16
C LEU A 143 20.54 17.41 4.79
N GLU A 144 20.38 18.40 3.92
CA GLU A 144 19.05 18.74 3.42
C GLU A 144 18.43 17.58 2.67
N ASP A 145 19.21 16.87 1.87
CA ASP A 145 18.76 15.69 1.13
C ASP A 145 19.31 14.46 1.85
N VAL A 146 18.45 13.79 2.60
CA VAL A 146 18.82 12.57 3.32
C VAL A 146 17.79 11.48 3.02
N VAL A 147 18.14 10.60 2.08
CA VAL A 147 17.24 9.44 1.79
C VAL A 147 17.56 8.35 2.82
N PRO A 148 16.56 7.67 3.43
CA PRO A 148 16.81 6.68 4.50
C PRO A 148 17.93 5.66 4.19
N GLN A 149 18.62 5.19 5.24
CA GLN A 149 19.69 4.22 5.06
C GLN A 149 19.20 2.94 4.38
N SER A 150 18.05 2.41 4.81
CA SER A 150 17.50 1.22 4.19
C SER A 150 17.14 1.47 2.73
N MET A 151 16.74 2.70 2.41
CA MET A 151 16.41 3.04 1.03
C MET A 151 17.63 2.90 0.12
N GLN A 152 18.77 3.42 0.56
CA GLN A 152 20.00 3.23 -0.20
C GLN A 152 20.41 1.76 -0.23
N ASP A 153 20.32 1.08 0.92
CA ASP A 153 20.74 -0.32 0.99
C ASP A 153 19.87 -1.22 0.12
N LEU A 154 18.70 -0.75 -0.30
CA LEU A 154 17.92 -1.51 -1.27
C LEU A 154 18.71 -1.76 -2.55
N LEU A 155 19.64 -0.87 -2.88
CA LEU A 155 20.38 -0.94 -4.14
C LEU A 155 21.76 -1.55 -4.01
N GLY A 156 22.06 -2.18 -2.87
CA GLY A 156 23.37 -2.80 -2.71
C GLY A 156 23.53 -4.02 -3.59
N MET A 157 24.77 -4.22 -4.07
CA MET A 157 25.08 -5.32 -4.97
C MET A 157 26.23 -6.19 -4.50
N ASN A 158 26.91 -5.84 -3.40
CA ASN A 158 28.04 -6.62 -2.95
C ASN A 158 27.64 -7.95 -2.32
N ASN A 159 26.46 -8.03 -1.73
CA ASN A 159 26.06 -9.17 -0.91
C ASN A 159 24.89 -9.94 -1.53
N ASP A 160 24.88 -10.07 -2.85
CA ASP A 160 23.78 -10.78 -3.50
C ASP A 160 23.83 -12.27 -3.18
N PHE A 161 22.65 -12.81 -2.88
CA PHE A 161 22.51 -14.27 -2.62
C PHE A 161 23.41 -14.71 -1.46
N PRO A 162 23.14 -14.33 -0.20
CA PRO A 162 23.93 -14.86 0.92
C PRO A 162 23.62 -16.33 1.14
N PRO A 163 24.63 -17.15 1.45
CA PRO A 163 24.38 -18.59 1.61
C PRO A 163 23.40 -18.92 2.72
N ARG A 164 23.48 -18.22 3.84
CA ARG A 164 22.54 -18.41 4.93
C ARG A 164 22.18 -17.05 5.50
N ALA A 165 20.87 -16.82 5.67
CA ALA A 165 20.33 -15.56 6.14
C ALA A 165 18.83 -15.74 6.29
N HIS A 166 18.19 -14.79 6.97
CA HIS A 166 16.74 -14.79 7.05
C HIS A 166 16.14 -14.51 5.67
N CYS A 167 14.91 -14.95 5.47
CA CYS A 167 14.26 -14.80 4.18
C CYS A 167 14.19 -13.32 3.79
N LEU A 168 13.89 -12.45 4.75
CA LEU A 168 13.80 -11.02 4.45
C LEU A 168 15.16 -10.41 4.16
N VAL A 169 16.21 -10.91 4.82
CA VAL A 169 17.56 -10.41 4.54
C VAL A 169 17.99 -10.83 3.13
N ARG A 170 17.72 -12.07 2.76
CA ARG A 170 18.05 -12.52 1.41
C ARG A 170 17.24 -11.77 0.36
N TRP A 171 15.96 -11.55 0.64
CA TRP A 171 15.06 -10.99 -0.38
C TRP A 171 15.28 -9.49 -0.55
N TYR A 172 15.18 -8.73 0.52
CA TYR A 172 15.24 -7.27 0.42
C TYR A 172 16.64 -6.71 0.66
N GLY A 173 17.63 -7.54 0.95
CA GLY A 173 18.96 -7.03 1.20
C GLY A 173 19.04 -6.07 2.37
N LEU A 174 18.34 -6.39 3.46
CA LEU A 174 18.27 -5.46 4.62
C LEU A 174 19.29 -5.87 5.69
N ARG A 175 19.56 -4.92 6.63
CA ARG A 175 20.57 -5.05 7.72
C ARG A 175 19.91 -5.06 9.11
N GLU A 176 18.82 -4.30 9.33
CA GLU A 176 18.07 -4.17 10.61
C GLU A 176 16.58 -4.18 10.28
N PHE A 177 15.81 -5.09 10.90
CA PHE A 177 14.38 -5.20 10.54
C PHE A 177 13.55 -5.76 11.70
N VAL A 178 12.42 -5.13 12.00
CA VAL A 178 11.51 -5.61 13.03
C VAL A 178 10.41 -6.41 12.35
N VAL A 179 9.88 -7.42 13.05
CA VAL A 179 8.79 -8.23 12.54
C VAL A 179 7.77 -8.41 13.66
N ILE A 180 6.49 -8.20 13.30
CA ILE A 180 5.37 -8.44 14.24
C ILE A 180 4.66 -9.69 13.73
N ALA A 181 4.74 -10.79 14.47
CA ALA A 181 4.21 -12.07 14.02
C ALA A 181 3.22 -12.61 15.03
N PRO A 182 2.37 -13.56 14.63
CA PRO A 182 1.49 -14.20 15.62
C PRO A 182 2.30 -14.89 16.71
N ALA A 183 2.03 -14.50 17.96
CA ALA A 183 2.77 -15.07 19.08
C ALA A 183 2.50 -16.57 19.18
N ALA A 184 3.54 -17.31 19.53
CA ALA A 184 3.52 -18.79 19.57
C ALA A 184 3.10 -19.26 18.18
N HIS A 185 2.13 -20.15 18.06
CA HIS A 185 1.70 -20.67 16.77
C HIS A 185 0.20 -20.91 16.85
N SER A 186 -0.32 -21.69 15.89
CA SER A 186 -1.76 -21.97 15.78
C SER A 186 -2.57 -20.68 15.63
N ASP A 187 -1.93 -19.64 15.08
CA ASP A 187 -2.61 -18.33 14.88
C ASP A 187 -2.24 -17.78 13.50
N ALA A 188 -3.23 -17.44 12.68
CA ALA A 188 -2.96 -16.97 11.31
C ALA A 188 -3.98 -15.90 10.89
N VAL A 189 -3.50 -14.74 10.45
CA VAL A 189 -4.41 -13.67 9.95
C VAL A 189 -4.83 -14.05 8.53
N LEU A 190 -6.13 -14.26 8.29
CA LEU A 190 -6.56 -14.72 6.98
C LEU A 190 -7.40 -13.69 6.23
N SER A 191 -8.43 -13.14 6.86
CA SER A 191 -9.30 -12.18 6.18
C SER A 191 -8.58 -10.87 5.91
N GLU A 192 -8.93 -10.23 4.80
CA GLU A 192 -8.24 -9.04 4.35
C GLU A 192 -8.42 -7.87 5.31
N SER A 193 -9.57 -7.80 5.99
CA SER A 193 -9.82 -6.69 6.91
C SER A 193 -8.83 -6.68 8.06
N LYS A 194 -8.50 -7.85 8.61
CA LYS A 194 -7.56 -7.90 9.74
C LYS A 194 -6.16 -7.53 9.31
N CYS A 195 -5.70 -8.02 8.15
CA CYS A 195 -4.39 -7.63 7.64
C CYS A 195 -4.33 -6.13 7.40
N ASN A 196 -5.40 -5.56 6.86
CA ASN A 196 -5.43 -4.14 6.58
C ASN A 196 -5.46 -3.31 7.87
N LEU A 197 -6.14 -3.81 8.90
CA LEU A 197 -6.09 -3.16 10.20
C LEU A 197 -4.68 -3.17 10.78
N LEU A 198 -4.01 -4.31 10.68
CA LEU A 198 -2.64 -4.39 11.18
C LEU A 198 -1.72 -3.44 10.42
N LEU A 199 -1.85 -3.39 9.10
CA LEU A 199 -1.00 -2.52 8.30
C LEU A 199 -1.30 -1.04 8.57
N SER A 200 -2.58 -0.70 8.78
CA SER A 200 -2.93 0.66 9.14
C SER A 200 -2.29 1.06 10.46
N SER A 201 -2.35 0.16 11.45
CA SER A 201 -1.72 0.43 12.74
C SER A 201 -0.22 0.62 12.59
N VAL A 202 0.41 -0.21 11.76
CA VAL A 202 1.85 -0.08 11.50
C VAL A 202 2.16 1.29 10.89
N SER A 203 1.38 1.68 9.88
CA SER A 203 1.63 2.94 9.19
C SER A 203 1.47 4.13 10.14
N ILE A 204 0.44 4.11 10.97
CA ILE A 204 0.23 5.18 11.94
C ILE A 204 1.37 5.20 12.96
N ALA A 205 1.80 4.00 13.36
CA ALA A 205 2.92 3.91 14.33
C ALA A 205 4.15 4.63 13.75
N LEU A 206 4.61 4.20 12.58
CA LEU A 206 5.80 4.82 12.00
C LEU A 206 5.61 6.30 11.74
N GLY A 207 4.39 6.72 11.36
CA GLY A 207 4.15 8.13 11.18
C GLY A 207 4.26 8.92 12.47
N ASN A 208 3.84 8.32 13.59
CA ASN A 208 3.81 9.03 14.86
C ASN A 208 5.20 9.09 15.49
N THR A 209 5.82 7.92 15.72
CA THR A 209 7.11 7.92 16.41
C THR A 209 8.18 8.61 15.58
N GLY A 210 8.24 8.32 14.29
CA GLY A 210 9.34 8.74 13.44
C GLY A 210 10.37 7.68 13.16
N CYS A 211 10.12 6.43 13.56
CA CYS A 211 11.06 5.35 13.29
C CYS A 211 11.18 5.11 11.80
N GLN A 212 12.41 4.89 11.33
CA GLN A 212 12.68 4.63 9.93
C GLN A 212 13.01 3.19 9.63
N VAL A 213 13.21 2.36 10.64
CA VAL A 213 13.49 0.94 10.43
C VAL A 213 12.27 0.28 9.78
N PRO A 214 12.43 -0.52 8.73
CA PRO A 214 11.28 -1.18 8.11
C PRO A 214 10.55 -2.06 9.12
N LEU A 215 9.22 -2.02 9.05
CA LEU A 215 8.39 -2.90 9.86
C LEU A 215 7.63 -3.85 8.96
N PHE A 216 7.41 -5.07 9.47
CA PHE A 216 6.79 -6.14 8.71
C PHE A 216 5.68 -6.78 9.52
N VAL A 217 4.70 -7.34 8.82
CA VAL A 217 3.55 -7.99 9.44
C VAL A 217 3.33 -9.30 8.71
N GLN A 218 3.31 -10.41 9.46
CA GLN A 218 3.06 -11.72 8.88
C GLN A 218 1.58 -11.88 8.56
N ILE A 219 1.29 -12.37 7.36
CA ILE A 219 -0.13 -12.57 6.94
C ILE A 219 -0.28 -14.01 6.42
N HIS A 220 -1.49 -14.38 5.98
CA HIS A 220 -1.74 -15.75 5.43
C HIS A 220 -1.31 -16.80 6.46
N HIS A 221 -0.50 -17.75 6.14
CA HIS A 221 -0.17 -18.69 7.22
C HIS A 221 1.24 -18.44 7.74
N LYS A 222 1.87 -19.45 8.33
CA LYS A 222 3.28 -19.43 8.68
C LYS A 222 4.12 -20.17 7.65
N TRP A 223 3.61 -21.29 7.13
CA TRP A 223 4.37 -22.06 6.16
C TRP A 223 4.47 -21.35 4.82
N ARG A 224 3.50 -20.48 4.51
CA ARG A 224 3.53 -19.71 3.23
C ARG A 224 4.54 -18.57 3.35
N ARG A 225 4.83 -18.11 4.57
CA ARG A 225 5.79 -17.05 4.82
C ARG A 225 5.51 -15.78 4.03
N MET A 226 4.29 -15.23 4.14
CA MET A 226 3.96 -13.97 3.49
C MET A 226 4.06 -12.83 4.50
N TYR A 227 4.71 -11.75 4.11
CA TYR A 227 4.88 -10.58 4.94
C TYR A 227 4.52 -9.36 4.12
N VAL A 228 3.99 -8.33 4.80
CA VAL A 228 3.77 -7.02 4.18
C VAL A 228 4.35 -5.97 5.11
N GLY A 229 5.08 -5.01 4.55
CA GLY A 229 5.78 -4.09 5.41
C GLY A 229 5.95 -2.72 4.80
N GLU A 230 6.31 -1.77 5.67
CA GLU A 230 6.50 -0.39 5.25
C GLU A 230 7.75 0.19 5.89
N CYS A 231 8.37 1.10 5.14
CA CYS A 231 9.49 1.92 5.61
C CYS A 231 9.17 3.37 5.28
N GLN A 232 9.49 4.25 6.23
CA GLN A 232 9.10 5.68 6.05
C GLN A 232 10.30 6.61 6.27
N GLY A 233 10.34 7.70 5.51
CA GLY A 233 11.37 8.71 5.65
C GLY A 233 10.79 10.05 5.29
N PRO A 234 11.54 11.13 5.52
CA PRO A 234 10.99 12.47 5.27
C PRO A 234 10.64 12.67 3.81
N GLY A 235 9.35 12.74 3.53
CA GLY A 235 8.87 12.87 2.17
C GLY A 235 8.94 11.62 1.32
N VAL A 236 9.22 10.47 1.94
CA VAL A 236 9.41 9.23 1.14
C VAL A 236 8.80 8.00 1.82
N ARG A 237 8.05 7.18 1.08
CA ARG A 237 7.51 5.93 1.59
C ARG A 237 8.00 4.78 0.73
N THR A 238 8.23 3.63 1.35
CA THR A 238 8.66 2.43 0.66
C THR A 238 7.78 1.27 1.09
N ASP A 239 7.21 0.57 0.10
CA ASP A 239 6.27 -0.54 0.40
C ASP A 239 6.87 -1.89 0.01
N PHE A 240 7.11 -2.76 0.99
CA PHE A 240 7.61 -4.10 0.78
C PHE A 240 6.40 -5.02 0.67
N GLU A 241 6.17 -5.53 -0.53
CA GLU A 241 5.02 -6.39 -0.80
C GLU A 241 5.50 -7.69 -1.42
N MET A 242 4.67 -8.73 -1.32
CA MET A 242 5.14 -10.06 -1.77
C MET A 242 3.98 -10.95 -2.26
N VAL A 243 4.17 -11.60 -3.40
CA VAL A 243 3.21 -12.54 -3.97
C VAL A 243 3.87 -13.90 -4.06
N HIS A 244 3.13 -14.95 -3.67
CA HIS A 244 3.65 -16.31 -3.67
C HIS A 244 2.55 -17.22 -4.21
N LEU A 245 2.76 -17.77 -5.41
CA LEU A 245 1.75 -18.57 -6.08
C LEU A 245 2.38 -19.82 -6.65
N ARG A 246 1.54 -20.72 -7.16
CA ARG A 246 2.04 -21.97 -7.72
C ARG A 246 2.04 -21.97 -9.25
N LYS A 247 0.99 -21.44 -9.87
CA LYS A 247 0.85 -21.50 -11.33
C LYS A 247 0.50 -20.13 -11.87
N VAL A 248 1.20 -19.73 -12.94
CA VAL A 248 0.98 -18.44 -13.59
C VAL A 248 0.93 -18.67 -15.09
N PRO A 249 0.39 -17.72 -15.85
CA PRO A 249 0.47 -17.81 -17.31
C PRO A 249 1.92 -17.92 -17.76
N ASN A 250 2.14 -18.71 -18.82
CA ASN A 250 3.48 -19.09 -19.25
C ASN A 250 4.29 -17.90 -19.75
N GLN A 251 3.70 -16.71 -19.75
CA GLN A 251 4.40 -15.50 -20.15
C GLN A 251 5.18 -14.85 -19.00
N TYR A 252 5.26 -15.53 -17.86
CA TYR A 252 5.97 -15.00 -16.70
C TYR A 252 7.20 -15.83 -16.33
N THR A 253 7.59 -16.78 -17.16
CA THR A 253 8.70 -17.68 -16.84
C THR A 253 10.04 -17.20 -17.36
N HIS A 254 10.08 -16.09 -18.09
CA HIS A 254 11.33 -15.55 -18.64
C HIS A 254 11.60 -14.18 -18.05
N LEU A 255 12.73 -13.58 -18.42
CA LEU A 255 13.10 -12.25 -17.87
C LEU A 255 12.21 -11.17 -18.47
N SER A 256 11.80 -11.33 -19.74
CA SER A 256 11.03 -10.27 -20.38
C SER A 256 9.70 -10.05 -19.66
N GLY A 257 9.01 -11.12 -19.29
CA GLY A 257 7.78 -10.95 -18.53
C GLY A 257 8.01 -10.30 -17.18
N LEU A 258 9.11 -10.67 -16.53
CA LEU A 258 9.46 -10.06 -15.24
C LEU A 258 9.74 -8.57 -15.40
N LEU A 259 10.44 -8.21 -16.48
CA LEU A 259 10.74 -6.78 -16.74
C LEU A 259 9.42 -6.04 -17.00
N ASP A 260 8.52 -6.66 -17.77
CA ASP A 260 7.23 -6.02 -18.06
C ASP A 260 6.44 -5.80 -16.78
N ILE A 261 6.44 -6.78 -15.87
CA ILE A 261 5.76 -6.61 -14.59
C ILE A 261 6.41 -5.50 -13.78
N PHE A 262 7.73 -5.47 -13.75
CA PHE A 262 8.46 -4.44 -13.03
C PHE A 262 8.08 -3.04 -13.54
N LYS A 263 8.11 -2.84 -14.86
CA LYS A 263 7.87 -1.51 -15.41
C LYS A 263 6.38 -1.15 -15.37
N SER A 264 5.52 -2.17 -15.38
CA SER A 264 4.06 -1.90 -15.25
C SER A 264 3.76 -1.41 -13.82
N LYS A 265 4.34 -2.05 -12.80
CA LYS A 265 4.11 -1.60 -11.40
C LYS A 265 4.77 -0.22 -11.19
N ILE A 266 5.98 0.00 -11.71
CA ILE A 266 6.60 1.35 -11.63
C ILE A 266 5.54 2.39 -12.01
N GLY A 267 4.94 2.24 -13.20
CA GLY A 267 3.89 3.15 -13.62
C GLY A 267 4.28 4.61 -13.66
N CYS A 268 5.52 4.90 -13.98
CA CYS A 268 5.96 6.29 -14.06
C CYS A 268 5.47 6.91 -15.36
N PRO A 269 4.88 8.12 -15.33
CA PRO A 269 4.45 8.77 -16.57
C PRO A 269 5.59 9.10 -17.52
N LEU A 270 6.82 9.21 -17.01
CA LEU A 270 7.98 9.48 -17.86
C LEU A 270 8.39 8.18 -18.57
N THR A 271 7.70 7.92 -19.67
CA THR A 271 7.84 6.68 -20.43
C THR A 271 9.28 6.37 -20.81
N PRO A 272 10.09 7.36 -21.26
CA PRO A 272 11.53 7.08 -21.43
C PRO A 272 12.19 6.73 -20.11
N LEU A 273 12.72 5.50 -20.01
CA LEU A 273 13.32 5.03 -18.78
C LEU A 273 14.69 4.42 -19.04
N PRO A 274 15.62 4.53 -18.10
CA PRO A 274 16.90 3.85 -18.25
C PRO A 274 16.72 2.36 -18.14
N PRO A 275 17.64 1.58 -18.70
CA PRO A 275 17.54 0.12 -18.56
C PRO A 275 17.64 -0.31 -17.10
N VAL A 276 16.94 -1.39 -16.77
CA VAL A 276 16.96 -1.93 -15.38
C VAL A 276 18.13 -2.92 -15.25
N SER A 277 19.00 -2.73 -14.26
CA SER A 277 20.12 -3.69 -14.04
C SER A 277 19.55 -5.03 -13.58
N ILE A 278 20.10 -6.14 -14.07
CA ILE A 278 19.54 -7.48 -13.74
C ILE A 278 20.63 -8.40 -13.19
N ALA A 279 20.36 -9.12 -12.09
CA ALA A 279 21.32 -10.11 -11.55
C ALA A 279 20.73 -11.50 -11.73
N ILE A 280 21.40 -12.36 -12.52
CA ILE A 280 20.82 -13.70 -12.82
C ILE A 280 21.55 -14.79 -12.03
N ARG A 281 20.81 -15.76 -11.49
CA ARG A 281 21.43 -16.88 -10.73
C ARG A 281 20.63 -18.16 -11.00
N PHE A 282 21.32 -19.26 -11.36
CA PHE A 282 20.65 -20.54 -11.66
C PHE A 282 21.06 -21.60 -10.63
N THR A 283 20.20 -22.58 -10.38
CA THR A 283 20.50 -23.62 -9.35
C THR A 283 20.25 -25.02 -9.93
N TYR A 284 21.27 -25.86 -9.96
CA TYR A 284 21.13 -27.22 -10.49
C TYR A 284 21.41 -28.21 -9.38
N VAL A 285 20.67 -29.32 -9.38
CA VAL A 285 20.83 -30.37 -8.32
C VAL A 285 21.12 -31.72 -8.98
N LEU A 286 22.18 -32.39 -8.54
CA LEU A 286 22.57 -33.70 -9.06
C LEU A 286 22.57 -34.70 -7.91
N GLN A 287 21.83 -35.79 -8.07
CA GLN A 287 21.71 -36.82 -7.04
C GLN A 287 22.40 -38.12 -7.40
N ASP A 288 22.26 -38.59 -8.63
CA ASP A 288 22.93 -39.81 -9.05
C ASP A 288 24.44 -39.59 -9.12
N TRP A 289 25.20 -40.60 -8.69
CA TRP A 289 26.65 -40.53 -8.70
C TRP A 289 27.28 -41.53 -9.66
N GLN A 290 26.48 -42.20 -10.49
CA GLN A 290 26.95 -43.17 -11.47
C GLN A 290 27.72 -44.26 -10.75
N GLN A 291 29.00 -44.46 -11.00
CA GLN A 291 29.78 -45.51 -10.36
C GLN A 291 30.11 -45.13 -8.92
N PHE A 314 43.79 -61.10 15.25
CA PHE A 314 42.34 -61.01 15.23
C PHE A 314 41.86 -59.78 15.99
N GLY A 315 40.55 -59.73 16.27
CA GLY A 315 39.98 -58.60 16.98
C GLY A 315 40.11 -57.30 16.22
N LYS A 316 39.80 -57.34 14.92
CA LYS A 316 39.90 -56.13 14.07
C LYS A 316 38.59 -55.36 14.11
N LEU A 317 38.60 -54.14 14.64
CA LEU A 317 37.37 -53.31 14.74
C LEU A 317 36.86 -53.07 13.32
N PRO A 318 35.57 -53.31 13.03
CA PRO A 318 35.00 -53.03 11.70
C PRO A 318 34.61 -51.57 11.56
N PHE A 319 35.27 -50.86 10.65
CA PHE A 319 34.98 -49.42 10.46
C PHE A 319 34.52 -49.16 9.02
N GLY A 320 33.60 -48.21 8.82
CA GLY A 320 33.14 -47.86 7.46
C GLY A 320 31.65 -47.56 7.41
N ALA A 321 31.27 -46.81 6.36
CA ALA A 321 29.85 -46.41 6.16
C ALA A 321 29.22 -47.18 5.01
N CYS A 322 28.12 -47.88 5.30
CA CYS A 322 27.54 -48.69 4.20
C CYS A 322 27.04 -47.77 3.07
N GLU A 323 26.06 -46.90 3.36
CA GLU A 323 25.50 -46.04 2.35
C GLU A 323 26.37 -44.81 2.15
N ASP A 324 26.12 -44.12 1.05
CA ASP A 324 26.87 -42.90 0.73
C ASP A 324 26.51 -41.80 1.71
N PRO A 325 27.48 -41.22 2.48
CA PRO A 325 27.12 -40.21 3.49
C PRO A 325 26.66 -38.90 2.84
N ILE A 326 27.05 -38.65 1.59
CA ILE A 326 26.58 -37.44 0.86
C ILE A 326 25.24 -37.77 0.19
N SER A 327 24.40 -36.76 -0.05
CA SER A 327 23.06 -37.01 -0.63
C SER A 327 22.93 -36.33 -1.99
N GLU A 328 23.26 -35.04 -2.09
CA GLU A 328 23.06 -34.31 -3.37
C GLU A 328 24.12 -33.23 -3.56
N LEU A 329 24.45 -32.91 -4.82
CA LEU A 329 25.40 -31.84 -5.10
C LEU A 329 24.67 -30.70 -5.78
N HIS A 330 24.80 -29.50 -5.22
CA HIS A 330 24.14 -28.30 -5.72
C HIS A 330 25.16 -27.41 -6.41
N LEU A 331 24.84 -26.99 -7.63
CA LEU A 331 25.75 -26.12 -8.42
C LEU A 331 25.01 -24.82 -8.76
N ALA A 332 25.55 -23.68 -8.30
CA ALA A 332 24.91 -22.37 -8.53
C ALA A 332 25.77 -21.54 -9.49
N THR A 333 25.18 -21.09 -10.60
CA THR A 333 25.86 -20.27 -11.59
C THR A 333 25.35 -18.84 -11.48
N THR A 334 26.28 -17.88 -11.37
CA THR A 334 25.94 -16.51 -10.98
C THR A 334 26.40 -15.53 -12.03
N TRP A 335 25.44 -14.74 -12.55
CA TRP A 335 25.78 -13.60 -13.44
C TRP A 335 25.65 -12.40 -12.52
N PRO A 336 26.74 -11.69 -12.15
CA PRO A 336 26.69 -10.68 -11.09
C PRO A 336 26.11 -9.34 -11.52
N HIS A 337 26.35 -8.92 -12.75
CA HIS A 337 25.88 -7.61 -13.22
C HIS A 337 25.71 -7.64 -14.72
N LEU A 338 24.46 -7.46 -15.17
CA LEU A 338 24.12 -7.38 -16.58
C LEU A 338 23.40 -6.06 -16.83
N THR A 339 22.86 -5.92 -18.03
CA THR A 339 22.09 -4.74 -18.40
C THR A 339 20.99 -5.15 -19.37
N GLU A 340 19.87 -4.43 -19.30
CA GLU A 340 18.72 -4.71 -20.21
C GLU A 340 19.15 -4.49 -21.65
N GLY A 341 18.85 -5.45 -22.52
CA GLY A 341 19.18 -5.37 -23.93
C GLY A 341 20.53 -5.93 -24.31
N ILE A 342 21.39 -6.23 -23.34
CA ILE A 342 22.70 -6.81 -23.66
C ILE A 342 22.53 -8.22 -24.20
N ILE A 343 21.52 -8.95 -23.71
CA ILE A 343 21.16 -10.27 -24.18
C ILE A 343 19.63 -10.35 -24.23
N VAL A 344 19.12 -11.51 -24.61
CA VAL A 344 17.68 -11.72 -24.66
C VAL A 344 17.34 -12.97 -23.87
N ASP A 345 16.12 -13.00 -23.33
CA ASP A 345 15.60 -14.18 -22.65
C ASP A 345 14.08 -14.11 -22.75
N ASN A 346 13.52 -14.89 -23.67
CA ASN A 346 12.08 -14.89 -23.91
C ASN A 346 11.64 -16.33 -24.16
N ASP A 347 10.43 -16.50 -24.68
CA ASP A 347 9.87 -17.86 -24.89
C ASP A 347 10.58 -18.55 -26.07
N VAL A 348 11.42 -17.82 -26.83
CA VAL A 348 12.05 -18.41 -27.99
C VAL A 348 13.56 -18.49 -27.82
N TYR A 349 14.21 -17.34 -27.66
CA TYR A 349 15.66 -17.24 -27.65
C TYR A 349 16.17 -16.91 -26.26
N SER A 350 17.17 -17.66 -25.79
CA SER A 350 17.76 -17.45 -24.48
C SER A 350 19.28 -17.55 -24.58
N ASP A 351 19.96 -16.74 -23.76
CA ASP A 351 21.42 -16.73 -23.69
C ASP A 351 21.93 -17.26 -22.36
N LEU A 352 21.06 -17.71 -21.47
CA LEU A 352 21.46 -18.10 -20.12
C LEU A 352 22.05 -19.50 -20.16
N ASP A 353 23.32 -19.57 -20.57
CA ASP A 353 24.13 -20.78 -20.59
C ASP A 353 24.97 -20.85 -19.32
N PRO A 354 24.91 -21.96 -18.57
CA PRO A 354 25.69 -22.04 -17.32
C PRO A 354 27.19 -22.00 -17.55
N ILE A 355 27.68 -22.47 -18.69
CA ILE A 355 29.11 -22.52 -18.95
C ILE A 355 29.69 -21.11 -19.00
N GLN A 356 28.90 -20.13 -19.44
CA GLN A 356 29.35 -18.75 -19.57
C GLN A 356 29.25 -17.95 -18.29
N ALA A 357 28.78 -18.56 -17.20
CA ALA A 357 28.68 -17.84 -15.95
C ALA A 357 30.08 -17.52 -15.44
N PRO A 358 30.42 -16.24 -15.23
CA PRO A 358 31.79 -15.91 -14.80
C PRO A 358 32.18 -16.45 -13.43
N HIS A 359 31.21 -16.76 -12.57
CA HIS A 359 31.49 -17.31 -11.25
C HIS A 359 30.71 -18.61 -11.05
N TRP A 360 31.36 -19.60 -10.45
CA TRP A 360 30.74 -20.89 -10.17
C TRP A 360 30.93 -21.24 -8.70
N SER A 361 29.84 -21.63 -8.03
CA SER A 361 29.85 -21.97 -6.62
C SER A 361 29.25 -23.36 -6.43
N VAL A 362 29.74 -24.08 -5.41
CA VAL A 362 29.27 -25.48 -5.20
C VAL A 362 28.76 -25.64 -3.76
N ARG A 363 27.57 -26.23 -3.60
CA ARG A 363 27.02 -26.52 -2.25
C ARG A 363 26.70 -28.01 -2.19
N VAL A 364 27.06 -28.71 -1.11
CA VAL A 364 26.84 -30.17 -1.08
C VAL A 364 25.74 -30.49 -0.07
N ARG A 365 25.11 -31.66 -0.16
CA ARG A 365 24.05 -32.07 0.80
C ARG A 365 24.50 -33.34 1.55
N LYS A 366 24.25 -33.41 2.86
CA LYS A 366 24.71 -34.58 3.65
C LYS A 366 23.53 -35.55 3.86
N ALA A 367 23.67 -36.80 3.40
CA ALA A 367 22.59 -37.80 3.56
C ALA A 367 22.35 -38.06 5.05
N GLU A 368 21.08 -38.15 5.45
CA GLU A 368 20.73 -38.39 6.87
C GLU A 368 20.94 -39.86 7.22
N ASN A 369 21.21 -40.15 8.49
CA ASN A 369 21.41 -41.55 8.92
C ASN A 369 22.42 -42.27 8.03
N PRO A 370 23.69 -41.83 7.99
CA PRO A 370 24.72 -42.53 7.23
C PRO A 370 25.19 -43.72 8.08
N GLN A 371 24.38 -44.78 8.16
CA GLN A 371 24.73 -45.93 9.03
C GLN A 371 26.20 -46.30 8.86
N CYS A 372 27.01 -46.11 9.92
CA CYS A 372 28.44 -46.50 9.87
C CYS A 372 28.61 -47.81 10.63
N LEU A 373 29.84 -48.37 10.65
CA LEU A 373 30.05 -49.69 11.30
C LEU A 373 30.83 -49.55 12.62
N LEU A 374 31.30 -48.34 12.92
CA LEU A 374 32.15 -48.26 14.13
C LEU A 374 31.44 -47.48 15.25
N GLY A 375 30.44 -46.69 14.91
CA GLY A 375 29.65 -45.97 15.93
C GLY A 375 28.55 -46.84 16.50
N ASP A 376 28.50 -48.12 16.10
CA ASP A 376 27.41 -49.01 16.56
C ASP A 376 28.02 -50.29 17.16
N PHE A 377 29.12 -50.77 16.56
CA PHE A 377 29.77 -52.02 17.03
C PHE A 377 30.03 -51.94 18.54
N VAL A 378 30.66 -50.85 18.99
CA VAL A 378 30.95 -50.68 20.44
C VAL A 378 29.66 -50.31 21.16
N THR A 379 28.80 -49.53 20.51
CA THR A 379 27.49 -49.14 21.10
C THR A 379 26.77 -50.39 21.59
N GLU A 380 26.92 -51.52 20.88
CA GLU A 380 26.17 -52.71 21.26
C GLU A 380 26.51 -53.16 22.68
N PHE A 381 27.64 -52.69 23.21
CA PHE A 381 28.09 -53.08 24.55
C PHE A 381 27.93 -51.96 25.56
N PHE A 382 27.09 -50.97 25.24
CA PHE A 382 26.86 -49.82 26.16
C PHE A 382 25.38 -49.77 26.55
N PRO A 832 34.84 -50.52 29.42
CA PRO A 832 36.12 -49.84 29.63
C PRO A 832 37.15 -50.17 28.55
N CYS A 833 37.24 -51.45 28.17
CA CYS A 833 38.21 -51.85 27.16
C CYS A 833 37.87 -51.26 25.79
N VAL A 834 36.59 -51.32 25.40
CA VAL A 834 36.18 -50.83 24.08
C VAL A 834 36.18 -49.31 23.98
N ILE A 835 36.52 -48.62 25.07
CA ILE A 835 36.55 -47.13 25.06
C ILE A 835 37.83 -46.65 24.37
N HIS A 836 38.91 -47.43 24.44
CA HIS A 836 40.19 -47.06 23.88
C HIS A 836 40.39 -47.55 22.45
N ALA A 837 39.67 -48.62 22.07
CA ALA A 837 39.84 -49.21 20.73
C ALA A 837 39.79 -48.13 19.64
N ALA A 838 38.69 -47.38 19.57
CA ALA A 838 38.51 -46.36 18.50
C ALA A 838 39.65 -45.33 18.57
N VAL A 839 40.08 -44.96 19.78
CA VAL A 839 41.10 -43.88 19.92
C VAL A 839 42.26 -44.16 18.94
N LEU A 840 42.73 -45.40 18.89
CA LEU A 840 43.86 -45.77 17.99
C LEU A 840 43.32 -46.09 16.59
N LYS A 841 42.21 -46.82 16.53
CA LYS A 841 41.62 -47.20 15.22
C LYS A 841 41.40 -45.94 14.39
N VAL A 842 40.62 -44.99 14.92
CA VAL A 842 40.36 -43.72 14.19
C VAL A 842 41.71 -43.12 13.76
N LYS A 843 42.67 -43.09 14.68
CA LYS A 843 43.98 -42.49 14.38
C LYS A 843 44.61 -43.13 13.14
N GLU A 844 44.47 -44.45 13.02
CA GLU A 844 45.13 -45.17 11.89
C GLU A 844 44.57 -44.67 10.55
N GLU A 845 43.24 -44.62 10.40
CA GLU A 845 42.64 -44.24 9.09
C GLU A 845 42.99 -42.79 8.74
N GLU A 846 43.03 -41.89 9.72
CA GLU A 846 43.27 -40.45 9.41
C GLU A 846 44.76 -40.13 9.38
N SER A 847 45.64 -41.13 9.49
CA SER A 847 47.06 -40.87 9.40
C SER A 847 47.43 -40.35 8.02
N LEU A 848 46.79 -40.90 6.98
CA LEU A 848 46.96 -40.36 5.64
C LEU A 848 46.07 -39.15 5.41
N GLU A 849 44.89 -39.12 6.05
CA GLU A 849 43.92 -38.01 5.83
C GLU A 849 44.40 -36.76 6.55
N ASN A 850 44.86 -36.88 7.79
CA ASN A 850 45.34 -35.74 8.58
C ASN A 850 44.28 -34.64 8.68
N ILE A 851 43.13 -34.99 9.26
CA ILE A 851 42.05 -34.03 9.48
C ILE A 851 42.45 -32.94 10.46
N SER A 852 43.26 -33.27 11.47
CA SER A 852 43.83 -32.29 12.40
C SER A 852 42.76 -31.64 13.27
N SER A 853 41.73 -32.42 13.61
CA SER A 853 40.73 -31.97 14.58
C SER A 853 40.56 -33.03 15.65
N VAL A 854 40.63 -34.31 15.23
CA VAL A 854 40.44 -35.43 16.19
C VAL A 854 41.50 -35.31 17.29
N LYS A 855 42.76 -35.08 16.89
CA LYS A 855 43.84 -35.03 17.92
C LYS A 855 43.41 -34.12 19.08
N LYS A 856 43.02 -32.86 18.76
CA LYS A 856 42.61 -31.92 19.79
C LYS A 856 41.38 -32.42 20.52
N ILE A 857 40.45 -33.01 19.78
CA ILE A 857 39.18 -33.51 20.41
C ILE A 857 39.50 -34.69 21.33
N ILE A 858 40.50 -35.51 20.95
CA ILE A 858 40.91 -36.66 21.79
C ILE A 858 41.57 -36.12 23.06
N LYS A 859 42.46 -35.13 22.93
CA LYS A 859 43.06 -34.54 24.11
C LYS A 859 41.98 -33.97 25.04
N GLN A 860 40.97 -33.32 24.46
CA GLN A 860 39.86 -32.81 25.27
C GLN A 860 39.12 -33.94 25.97
N ILE A 861 38.88 -35.04 25.25
CA ILE A 861 38.20 -36.22 25.86
C ILE A 861 39.08 -36.73 27.01
N ILE A 862 40.38 -36.84 26.78
CA ILE A 862 41.30 -37.34 27.79
C ILE A 862 41.22 -36.50 29.06
N SER A 863 41.25 -35.17 28.89
CA SER A 863 41.15 -34.29 30.05
C SER A 863 39.80 -34.40 30.72
N HIS A 864 38.74 -34.46 29.90
CA HIS A 864 37.36 -34.54 30.44
C HIS A 864 37.17 -35.85 31.21
N SER A 865 37.93 -36.89 30.84
CA SER A 865 37.78 -38.21 31.49
C SER A 865 38.77 -38.33 32.65
N SER A 866 39.86 -37.56 32.57
CA SER A 866 40.92 -37.61 33.61
C SER A 866 40.36 -37.79 35.02
N LYS A 867 39.27 -37.09 35.37
CA LYS A 867 38.76 -37.14 36.77
C LYS A 867 37.46 -37.94 36.88
N VAL A 868 36.82 -38.26 35.75
CA VAL A 868 35.50 -38.96 35.81
C VAL A 868 35.68 -40.45 35.50
N LEU A 869 36.82 -40.82 34.89
CA LEU A 869 37.03 -42.23 34.48
C LEU A 869 37.02 -43.15 35.70
N HIS A 870 36.98 -42.59 36.93
CA HIS A 870 37.08 -43.47 38.12
C HIS A 870 35.90 -43.26 39.08
N PHE A 871 35.14 -42.18 38.92
CA PHE A 871 34.03 -41.87 39.85
C PHE A 871 33.19 -43.14 40.12
N PRO A 872 32.85 -43.47 41.38
CA PRO A 872 32.09 -44.69 41.69
C PRO A 872 30.81 -44.79 40.88
N ASN A 873 30.55 -45.99 40.35
CA ASN A 873 29.43 -46.28 39.47
C ASN A 873 29.43 -45.31 38.29
N PRO A 874 30.34 -45.47 37.33
CA PRO A 874 30.39 -44.54 36.19
C PRO A 874 29.07 -44.46 35.46
N GLU A 875 28.62 -43.23 35.20
CA GLU A 875 27.35 -43.00 34.54
C GLU A 875 27.48 -43.18 33.02
N ASP A 876 26.33 -43.28 32.36
CA ASP A 876 26.29 -43.49 30.91
C ASP A 876 26.50 -42.20 30.13
N LYS A 877 26.55 -41.07 30.83
CA LYS A 877 26.74 -39.76 30.16
C LYS A 877 28.03 -39.80 29.33
N LYS A 878 29.15 -40.14 29.97
CA LYS A 878 30.45 -40.22 29.24
C LYS A 878 30.28 -41.16 28.05
N LEU A 879 29.77 -42.37 28.30
CA LEU A 879 29.56 -43.35 27.19
C LEU A 879 28.89 -42.63 26.02
N GLU A 880 27.84 -41.85 26.30
CA GLU A 880 27.11 -41.18 25.22
C GLU A 880 27.98 -40.10 24.56
N GLU A 881 28.73 -39.35 25.36
CA GLU A 881 29.59 -38.30 24.82
C GLU A 881 30.66 -38.87 23.90
N ILE A 882 31.34 -39.93 24.35
CA ILE A 882 32.40 -40.51 23.52
C ILE A 882 31.80 -41.19 22.29
N ILE A 883 30.59 -41.73 22.45
CA ILE A 883 29.88 -42.33 21.28
C ILE A 883 29.67 -41.23 20.25
N HIS A 884 29.14 -40.08 20.68
CA HIS A 884 28.85 -39.00 19.75
C HIS A 884 30.12 -38.49 19.09
N GLN A 885 31.20 -38.37 19.86
CA GLN A 885 32.50 -37.93 19.29
C GLN A 885 32.96 -38.94 18.24
N ILE A 886 32.91 -40.24 18.56
CA ILE A 886 33.40 -41.27 17.65
C ILE A 886 32.58 -41.28 16.37
N THR A 887 31.26 -41.21 16.50
CA THR A 887 30.42 -41.26 15.31
C THR A 887 30.58 -40.01 14.45
N ASN A 888 30.76 -38.84 15.08
CA ASN A 888 30.99 -37.62 14.31
C ASN A 888 32.30 -37.70 13.54
N VAL A 889 33.35 -38.17 14.21
CA VAL A 889 34.69 -38.26 13.54
C VAL A 889 34.59 -39.26 12.38
N GLU A 890 34.03 -40.45 12.63
CA GLU A 890 33.97 -41.49 11.57
C GLU A 890 33.10 -41.02 10.41
N ALA A 891 31.98 -40.33 10.69
CA ALA A 891 31.17 -39.77 9.61
C ALA A 891 31.94 -38.73 8.83
N LEU A 892 32.71 -37.89 9.51
CA LEU A 892 33.50 -36.88 8.82
C LEU A 892 34.52 -37.51 7.89
N ILE A 893 35.21 -38.54 8.37
CA ILE A 893 36.29 -39.17 7.54
C ILE A 893 35.64 -39.95 6.39
N ALA A 894 34.45 -40.52 6.61
CA ALA A 894 33.73 -41.24 5.54
C ALA A 894 33.34 -40.24 4.44
N ARG A 895 32.78 -39.10 4.83
CA ARG A 895 32.36 -38.07 3.85
C ARG A 895 33.59 -37.58 3.09
N ALA A 896 34.69 -37.30 3.79
CA ALA A 896 35.94 -36.87 3.13
C ALA A 896 36.31 -37.88 2.03
N ARG A 897 36.41 -39.16 2.40
CA ARG A 897 36.75 -40.19 1.43
C ARG A 897 35.76 -40.21 0.27
N SER A 898 34.47 -40.09 0.58
CA SER A 898 33.46 -40.10 -0.48
C SER A 898 33.62 -38.90 -1.42
N LEU A 899 33.92 -37.72 -0.87
CA LEU A 899 34.09 -36.54 -1.70
C LEU A 899 35.29 -36.71 -2.62
N LYS A 900 36.43 -37.12 -2.05
CA LYS A 900 37.66 -37.33 -2.85
C LYS A 900 37.35 -38.37 -3.94
N ALA A 901 36.57 -39.40 -3.60
CA ALA A 901 36.27 -40.45 -4.56
C ALA A 901 35.37 -39.94 -5.69
N LYS A 902 34.45 -39.04 -5.36
CA LYS A 902 33.53 -38.49 -6.39
C LYS A 902 34.31 -37.55 -7.34
N PHE A 903 35.23 -36.74 -6.80
CA PHE A 903 35.98 -35.81 -7.63
C PHE A 903 37.35 -36.31 -8.04
N GLY A 904 37.73 -37.50 -7.60
CA GLY A 904 38.93 -38.16 -8.10
C GLY A 904 40.20 -37.35 -7.97
N THR A 905 40.49 -36.84 -6.77
CA THR A 905 41.68 -36.03 -6.57
C THR A 905 42.94 -36.80 -6.94
N GLU A 906 42.95 -38.11 -6.65
CA GLU A 906 44.15 -38.94 -6.94
C GLU A 906 43.99 -39.55 -8.34
N LYS A 907 42.80 -39.42 -8.93
CA LYS A 907 42.58 -39.96 -10.30
C LYS A 907 43.09 -38.93 -11.31
N CYS A 908 44.30 -38.40 -11.08
CA CYS A 908 44.89 -37.38 -11.99
C CYS A 908 46.41 -37.54 -12.00
N GLU A 909 47.05 -37.27 -13.15
CA GLU A 909 48.51 -37.41 -13.26
C GLU A 909 49.22 -36.10 -12.89
N GLN A 910 48.57 -34.98 -13.16
CA GLN A 910 49.24 -33.66 -12.95
C GLN A 910 49.30 -33.39 -11.44
N GLU A 911 50.50 -33.40 -10.86
CA GLU A 911 50.65 -33.21 -9.39
C GLU A 911 50.02 -31.88 -8.98
N GLU A 912 50.24 -30.83 -9.80
CA GLU A 912 49.81 -29.44 -9.45
C GLU A 912 48.31 -29.27 -9.64
N GLU A 913 47.70 -30.12 -10.41
CA GLU A 913 46.23 -30.14 -10.58
C GLU A 913 45.59 -31.08 -9.55
N LYS A 914 46.18 -32.27 -9.36
CA LYS A 914 45.64 -33.26 -8.39
C LYS A 914 45.69 -32.62 -7.00
N GLU A 915 46.74 -31.85 -6.71
CA GLU A 915 46.83 -31.11 -5.44
C GLU A 915 45.72 -30.06 -5.41
N ASP A 916 45.59 -29.27 -6.48
CA ASP A 916 44.49 -28.27 -6.55
C ASP A 916 43.18 -28.98 -6.21
N LEU A 917 42.97 -30.17 -6.79
CA LEU A 917 41.73 -30.91 -6.52
C LEU A 917 41.63 -31.34 -5.07
N GLU A 918 42.74 -31.76 -4.46
CA GLU A 918 42.65 -32.18 -3.07
C GLU A 918 42.37 -30.99 -2.16
N ARG A 919 42.90 -29.81 -2.48
CA ARG A 919 42.59 -28.63 -1.67
C ARG A 919 41.19 -28.11 -1.93
N PHE A 920 40.67 -28.30 -3.15
CA PHE A 920 39.26 -28.02 -3.42
C PHE A 920 38.35 -28.94 -2.62
N VAL A 921 38.72 -30.21 -2.53
CA VAL A 921 37.97 -31.17 -1.71
C VAL A 921 38.34 -30.96 -0.25
N SER A 922 37.42 -31.33 0.65
CA SER A 922 37.63 -31.20 2.13
C SER A 922 37.33 -29.78 2.59
N CYS A 923 37.27 -28.80 1.68
CA CYS A 923 36.87 -27.44 2.07
C CYS A 923 35.36 -27.31 2.08
N LEU A 924 34.68 -28.12 1.26
CA LEU A 924 33.23 -28.13 1.25
C LEU A 924 32.64 -28.75 2.51
N LEU A 925 33.47 -29.44 3.30
CA LEU A 925 32.93 -30.15 4.49
C LEU A 925 32.57 -29.16 5.60
N GLU A 926 33.28 -28.04 5.69
CA GLU A 926 33.05 -27.09 6.78
C GLU A 926 31.98 -26.07 6.44
N GLN A 927 32.22 -25.30 5.38
CA GLN A 927 31.22 -24.28 4.93
C GLN A 927 30.46 -24.87 3.72
N PRO A 928 29.14 -24.58 3.54
CA PRO A 928 28.38 -25.16 2.44
C PRO A 928 28.39 -24.25 1.21
N GLU A 929 29.57 -23.76 0.82
CA GLU A 929 29.68 -22.89 -0.38
C GLU A 929 31.16 -22.70 -0.71
N VAL A 930 31.62 -23.24 -1.85
CA VAL A 930 33.01 -23.04 -2.24
C VAL A 930 33.05 -22.53 -3.67
N LEU A 931 34.04 -21.70 -3.97
CA LEU A 931 34.21 -21.20 -5.33
C LEU A 931 34.95 -22.24 -6.18
N VAL A 932 34.71 -22.19 -7.48
CA VAL A 932 35.40 -23.05 -8.44
C VAL A 932 36.33 -22.20 -9.27
N THR A 933 37.57 -22.63 -9.40
CA THR A 933 38.56 -21.86 -10.14
C THR A 933 38.26 -21.89 -11.63
N GLY A 934 38.19 -20.70 -12.24
CA GLY A 934 37.97 -20.59 -13.67
C GLY A 934 36.57 -20.95 -14.11
N ALA A 935 35.60 -20.91 -13.20
CA ALA A 935 34.20 -21.28 -13.46
C ALA A 935 34.18 -22.69 -14.07
N GLY A 936 33.38 -22.94 -15.10
CA GLY A 936 33.34 -24.27 -15.69
C GLY A 936 34.49 -24.52 -16.66
N ARG A 937 35.18 -23.45 -17.07
CA ARG A 937 36.29 -23.61 -18.00
C ARG A 937 37.47 -24.32 -17.34
N GLY A 938 37.72 -24.02 -16.06
CA GLY A 938 38.90 -24.57 -15.41
C GLY A 938 38.79 -26.07 -15.21
N HIS A 939 39.95 -26.70 -15.02
CA HIS A 939 39.99 -28.15 -14.82
C HIS A 939 39.25 -28.56 -13.55
N ALA A 940 39.30 -27.73 -12.52
CA ALA A 940 38.57 -28.03 -11.29
C ALA A 940 37.07 -28.07 -11.56
N GLY A 941 36.58 -27.18 -12.41
CA GLY A 941 35.18 -27.17 -12.79
C GLY A 941 34.88 -28.11 -13.94
N ARG A 942 35.92 -28.52 -14.67
CA ARG A 942 35.73 -29.43 -15.79
C ARG A 942 35.16 -30.76 -15.33
N ILE A 943 35.64 -31.27 -14.19
CA ILE A 943 35.11 -32.53 -13.66
C ILE A 943 33.62 -32.37 -13.33
N ILE A 944 33.29 -31.27 -12.66
CA ILE A 944 31.85 -31.01 -12.34
C ILE A 944 31.06 -31.04 -13.65
N HIS A 945 31.60 -30.39 -14.69
CA HIS A 945 30.93 -30.40 -16.00
C HIS A 945 30.74 -31.82 -16.50
N LYS A 946 31.73 -32.69 -16.30
CA LYS A 946 31.66 -34.04 -16.85
C LYS A 946 30.64 -34.90 -16.09
N LEU A 947 30.55 -34.75 -14.77
CA LEU A 947 29.56 -35.50 -14.02
C LEU A 947 28.15 -35.12 -14.45
N PHE A 948 27.92 -33.81 -14.64
CA PHE A 948 26.59 -33.33 -15.08
C PHE A 948 26.28 -33.91 -16.46
N VAL A 949 27.26 -33.87 -17.37
CA VAL A 949 27.07 -34.45 -18.71
C VAL A 949 26.79 -35.94 -18.61
N ASN A 950 27.56 -36.65 -17.78
CA ASN A 950 27.37 -38.08 -17.63
C ASN A 950 26.06 -38.46 -16.96
N ALA A 951 25.40 -37.50 -16.32
CA ALA A 951 24.11 -37.76 -15.67
C ALA A 951 23.00 -37.87 -16.70
N ASP A 987 22.89 -29.51 -22.33
CA ASP A 987 24.17 -29.30 -21.62
C ASP A 987 23.98 -29.58 -20.13
N PHE A 988 23.12 -28.79 -19.46
CA PHE A 988 22.89 -28.96 -18.00
C PHE A 988 21.41 -29.26 -17.75
N PRO A 989 21.08 -30.16 -16.79
CA PRO A 989 19.69 -30.45 -16.46
C PRO A 989 18.91 -29.17 -16.09
N PRO A 990 17.60 -29.06 -16.44
CA PRO A 990 16.82 -27.84 -16.18
C PRO A 990 17.05 -27.33 -14.75
N PRO A 991 17.41 -26.04 -14.56
CA PRO A 991 17.65 -25.48 -13.23
C PRO A 991 16.41 -25.56 -12.34
N ALA A 992 16.48 -26.31 -11.24
CA ALA A 992 15.34 -26.43 -10.34
C ALA A 992 14.98 -25.12 -9.65
N GLY A 993 15.79 -24.08 -9.83
CA GLY A 993 15.48 -22.77 -9.28
C GLY A 993 16.22 -21.65 -9.96
N ARG A 994 15.48 -20.63 -10.40
CA ARG A 994 16.07 -19.45 -11.02
C ARG A 994 15.77 -18.23 -10.18
N GLU A 995 16.78 -17.42 -9.90
CA GLU A 995 16.64 -16.21 -9.11
C GLU A 995 17.03 -15.01 -9.95
N PHE A 996 16.15 -14.00 -10.01
CA PHE A 996 16.40 -12.77 -10.73
C PHE A 996 16.31 -11.60 -9.76
N ILE A 997 17.17 -10.59 -9.97
CA ILE A 997 17.12 -9.36 -9.13
C ILE A 997 17.16 -8.14 -10.06
N LEU A 998 16.12 -7.30 -10.01
CA LEU A 998 15.98 -6.12 -10.89
C LEU A 998 16.04 -4.85 -10.03
N ARG A 999 16.76 -3.81 -10.48
CA ARG A 999 16.83 -2.55 -9.75
C ARG A 999 16.77 -1.38 -10.72
N THR A 1000 16.12 -0.31 -10.28
CA THR A 1000 15.99 0.91 -11.10
C THR A 1000 15.80 2.12 -10.20
N THR A 1001 16.10 3.32 -10.70
CA THR A 1001 15.95 4.57 -9.95
C THR A 1001 15.14 5.54 -10.82
N VAL A 1002 13.84 5.67 -10.54
CA VAL A 1002 12.99 6.53 -11.42
C VAL A 1002 12.18 7.50 -10.56
N PRO A 1003 11.72 8.65 -11.10
CA PRO A 1003 10.94 9.64 -10.33
C PRO A 1003 9.45 9.29 -10.23
N ARG A 1004 9.11 8.36 -9.35
CA ARG A 1004 7.69 7.93 -9.21
C ARG A 1004 7.04 8.82 -8.14
N PRO A 1005 5.70 9.03 -8.14
CA PRO A 1005 4.81 8.60 -9.22
C PRO A 1005 4.48 9.72 -10.23
N ALA A 1006 5.03 10.92 -10.00
CA ALA A 1006 4.81 12.04 -10.91
C ALA A 1006 6.13 12.68 -11.29
N PRO A 1007 6.20 13.31 -12.46
CA PRO A 1007 7.50 13.82 -12.94
C PRO A 1007 8.11 14.91 -12.07
N TYR A 1008 7.32 15.60 -11.24
CA TYR A 1008 7.84 16.64 -10.37
C TYR A 1008 8.19 16.13 -8.98
N SER A 1009 8.32 14.80 -8.87
CA SER A 1009 8.63 14.19 -7.57
C SER A 1009 10.09 13.74 -7.53
N LYS A 1010 10.55 13.27 -6.39
CA LYS A 1010 11.92 12.82 -6.21
C LYS A 1010 12.18 11.52 -6.98
N ALA A 1011 13.44 11.31 -7.36
CA ALA A 1011 13.87 10.06 -7.98
C ALA A 1011 14.21 9.05 -6.89
N LEU A 1012 13.46 7.95 -6.86
CA LEU A 1012 13.58 6.96 -5.80
C LEU A 1012 13.90 5.59 -6.39
N PRO A 1013 14.56 4.72 -5.62
CA PRO A 1013 14.95 3.40 -6.13
C PRO A 1013 13.91 2.30 -5.94
N GLN A 1014 13.47 1.72 -7.07
CA GLN A 1014 12.53 0.57 -7.02
C GLN A 1014 13.35 -0.71 -7.18
N ARG A 1015 13.06 -1.72 -6.36
CA ARG A 1015 13.83 -2.99 -6.39
C ARG A 1015 12.87 -4.18 -6.36
N MET A 1016 13.20 -5.24 -7.12
CA MET A 1016 12.32 -6.43 -7.23
C MET A 1016 13.15 -7.72 -7.25
N TYR A 1017 12.82 -8.70 -6.40
CA TYR A 1017 13.48 -9.98 -6.32
C TYR A 1017 12.46 -11.04 -6.75
N SER A 1018 12.90 -12.02 -7.53
CA SER A 1018 11.99 -13.07 -7.97
C SER A 1018 12.68 -14.42 -7.94
N VAL A 1019 11.98 -15.43 -7.46
CA VAL A 1019 12.47 -16.80 -7.48
C VAL A 1019 11.41 -17.70 -8.09
N LEU A 1020 11.82 -18.49 -9.08
CA LEU A 1020 10.92 -19.40 -9.79
C LEU A 1020 11.42 -20.83 -9.66
N THR A 1021 10.53 -21.71 -9.21
CA THR A 1021 10.80 -23.14 -9.13
C THR A 1021 9.74 -23.92 -9.89
N LYS A 1022 9.72 -25.24 -9.73
CA LYS A 1022 8.74 -26.04 -10.46
C LYS A 1022 7.34 -25.91 -9.86
N GLU A 1023 7.24 -25.72 -8.54
CA GLU A 1023 5.95 -25.60 -7.87
C GLU A 1023 5.77 -24.28 -7.14
N ASP A 1024 6.82 -23.46 -7.11
CA ASP A 1024 6.78 -22.19 -6.35
C ASP A 1024 7.08 -21.00 -7.27
N PHE A 1025 6.49 -19.84 -6.98
CA PHE A 1025 6.70 -18.63 -7.77
C PHE A 1025 6.55 -17.45 -6.81
N ARG A 1026 7.68 -16.86 -6.41
CA ARG A 1026 7.68 -15.82 -5.40
C ARG A 1026 8.26 -14.53 -5.99
N LEU A 1027 7.53 -13.43 -5.81
CA LEU A 1027 8.04 -12.10 -6.11
C LEU A 1027 7.98 -11.26 -4.85
N ALA A 1028 9.10 -10.60 -4.54
CA ALA A 1028 9.19 -9.71 -3.38
C ALA A 1028 9.68 -8.36 -3.86
N GLY A 1029 8.83 -7.34 -3.73
CA GLY A 1029 9.16 -6.04 -4.29
C GLY A 1029 9.15 -4.89 -3.31
N ALA A 1030 10.15 -4.02 -3.41
CA ALA A 1030 10.25 -2.81 -2.60
C ALA A 1030 10.10 -1.63 -3.55
N PHE A 1031 8.92 -1.02 -3.54
CA PHE A 1031 8.58 0.07 -4.46
C PHE A 1031 8.43 1.35 -3.66
N SER A 1032 9.09 2.40 -4.16
CA SER A 1032 9.11 3.68 -3.41
C SER A 1032 8.21 4.72 -4.07
N SER A 1033 7.69 5.65 -3.26
CA SER A 1033 6.84 6.73 -3.73
C SER A 1033 7.08 7.96 -2.88
N ASP A 1034 6.67 9.11 -3.42
CA ASP A 1034 6.89 10.41 -2.80
C ASP A 1034 5.61 10.84 -2.11
N THR A 1035 5.65 10.97 -0.78
CA THR A 1035 4.49 11.40 -0.03
C THR A 1035 4.22 12.88 -0.14
N SER A 1036 5.25 13.69 -0.36
CA SER A 1036 5.07 15.15 -0.30
C SER A 1036 4.39 15.67 -1.56
N PHE A 1037 4.98 15.41 -2.73
CA PHE A 1037 4.45 15.87 -4.03
C PHE A 1037 4.16 14.62 -4.84
N PHE A 1038 2.96 14.06 -4.68
CA PHE A 1038 2.56 12.88 -5.49
C PHE A 1038 1.69 13.33 -6.67
N ALA B 2 2.62 33.86 3.40
CA ALA B 2 1.82 33.56 4.58
C ALA B 2 0.36 33.34 4.21
N CYS B 3 -0.30 32.42 4.92
CA CYS B 3 -1.71 32.17 4.69
C CYS B 3 -2.55 33.38 5.08
N SER B 4 -3.65 33.56 4.37
CA SER B 4 -4.58 34.64 4.67
C SER B 4 -5.93 34.32 4.06
N ILE B 5 -7.00 34.80 4.73
CA ILE B 5 -8.42 34.61 4.27
C ILE B 5 -8.99 35.98 3.93
N VAL B 6 -9.55 36.14 2.72
CA VAL B 6 -10.05 37.48 2.29
C VAL B 6 -11.57 37.42 2.07
N GLN B 7 -12.29 38.46 2.48
CA GLN B 7 -13.77 38.51 2.24
C GLN B 7 -14.01 38.78 0.76
N PHE B 8 -15.09 38.22 0.20
CA PHE B 8 -15.35 38.39 -1.25
C PHE B 8 -16.84 38.61 -1.50
N CYS B 9 -17.71 38.37 -0.51
CA CYS B 9 -19.11 38.66 -0.73
C CYS B 9 -19.79 39.07 0.57
N TYR B 10 -20.78 39.95 0.44
CA TYR B 10 -21.60 40.38 1.56
C TYR B 10 -23.07 40.13 1.22
N PHE B 11 -23.78 39.45 2.11
CA PHE B 11 -25.21 39.26 1.92
C PHE B 11 -25.93 40.59 2.09
N GLN B 12 -26.86 40.90 1.17
CA GLN B 12 -27.67 42.09 1.33
C GLN B 12 -28.60 41.97 2.52
N ASP B 13 -29.33 40.85 2.60
CA ASP B 13 -30.25 40.60 3.71
C ASP B 13 -30.44 39.10 3.83
N LEU B 14 -30.09 38.55 5.00
CA LEU B 14 -30.29 37.10 5.26
C LEU B 14 -31.36 36.92 6.35
N GLN B 15 -31.60 37.97 7.16
CA GLN B 15 -32.65 37.87 8.20
C GLN B 15 -33.99 37.56 7.52
N ALA B 16 -34.18 38.04 6.29
CA ALA B 16 -35.41 37.73 5.57
C ALA B 16 -35.52 36.23 5.29
N ALA B 17 -34.42 35.61 4.87
CA ALA B 17 -34.42 34.16 4.65
C ALA B 17 -34.64 33.42 5.94
N ARG B 18 -34.02 33.86 7.03
CA ARG B 18 -34.24 33.23 8.32
C ARG B 18 -35.71 33.32 8.73
N ASP B 19 -36.31 34.50 8.55
CA ASP B 19 -37.70 34.70 8.95
C ASP B 19 -38.65 33.87 8.10
N PHE B 20 -38.33 33.74 6.81
CA PHE B 20 -39.18 32.92 5.91
C PHE B 20 -39.08 31.44 6.30
N LEU B 21 -37.86 30.95 6.57
CA LEU B 21 -37.68 29.54 6.90
C LEU B 21 -37.94 29.23 8.37
N PHE B 22 -37.88 30.23 9.24
CA PHE B 22 -38.23 30.07 10.66
C PHE B 22 -39.26 31.13 11.03
N PRO B 23 -40.53 30.87 10.74
CA PRO B 23 -41.57 31.87 11.08
C PRO B 23 -41.65 32.17 12.57
N HIS B 24 -41.43 31.17 13.43
CA HIS B 24 -41.54 31.40 14.86
C HIS B 24 -40.43 32.29 15.39
N LEU B 25 -39.28 32.31 14.71
CA LEU B 25 -38.18 33.17 15.15
C LEU B 25 -38.55 34.64 15.05
N ARG B 26 -39.23 35.02 13.96
CA ARG B 26 -39.61 36.42 13.75
C ARG B 26 -40.66 36.86 14.75
N GLU B 61 -39.10 45.68 23.03
CA GLU B 61 -39.55 46.43 24.20
C GLU B 61 -39.64 45.53 25.42
N GLU B 62 -38.88 45.88 26.46
CA GLU B 62 -38.86 45.08 27.70
C GLU B 62 -38.45 45.98 28.86
N GLU B 63 -38.78 45.61 30.09
CA GLU B 63 -38.43 46.43 31.28
C GLU B 63 -37.00 46.10 31.72
N GLY B 64 -36.06 46.05 30.77
CA GLY B 64 -34.65 45.78 31.11
C GLY B 64 -34.41 44.32 31.42
N ASN B 65 -35.32 43.42 31.00
CA ASN B 65 -35.09 41.96 31.18
C ASN B 65 -33.75 41.62 30.56
N THR B 66 -33.01 40.69 31.17
CA THR B 66 -31.66 40.31 30.65
C THR B 66 -31.83 39.42 29.40
N CYS B 67 -31.76 40.02 28.21
CA CYS B 67 -31.87 39.24 26.95
C CYS B 67 -30.47 38.96 26.40
N LYS B 68 -30.03 37.70 26.44
CA LYS B 68 -28.66 37.35 25.98
C LYS B 68 -28.65 35.93 25.40
N THR B 69 -27.49 35.28 25.37
CA THR B 69 -27.38 33.91 24.83
C THR B 69 -27.96 33.88 23.41
N GLN B 70 -27.54 34.81 22.55
CA GLN B 70 -28.03 34.84 21.15
C GLN B 70 -26.96 34.22 20.25
N LYS B 71 -27.30 33.10 19.58
CA LYS B 71 -26.31 32.39 18.72
C LYS B 71 -27.00 32.00 17.41
N THR B 72 -26.22 31.51 16.44
CA THR B 72 -26.82 31.07 15.15
C THR B 72 -26.64 29.56 14.98
N SER B 73 -27.74 28.81 14.93
CA SER B 73 -27.66 27.35 14.69
C SER B 73 -28.48 27.01 13.45
N TRP B 74 -29.29 27.96 12.96
CA TRP B 74 -30.16 27.68 11.80
C TRP B 74 -29.32 27.44 10.55
N LEU B 75 -28.11 28.01 10.47
CA LEU B 75 -27.27 27.72 9.32
C LEU B 75 -26.73 26.28 9.36
N GLN B 76 -26.42 25.78 10.55
CA GLN B 76 -25.99 24.39 10.69
C GLN B 76 -27.15 23.41 10.60
N ASP B 77 -28.39 23.91 10.63
CA ASP B 77 -29.57 23.08 10.47
C ASP B 77 -30.04 22.99 9.03
N CYS B 78 -29.80 24.04 8.23
CA CYS B 78 -30.32 24.14 6.88
C CYS B 78 -29.50 23.32 5.90
N VAL B 79 -30.11 22.99 4.78
CA VAL B 79 -29.38 22.47 3.62
C VAL B 79 -28.94 23.64 2.77
N LEU B 80 -27.64 23.78 2.57
CA LEU B 80 -27.07 24.90 1.82
C LEU B 80 -26.32 24.38 0.60
N SER B 81 -26.29 25.22 -0.43
CA SER B 81 -25.44 24.96 -1.58
C SER B 81 -25.16 26.29 -2.27
N LEU B 82 -23.88 26.47 -2.65
CA LEU B 82 -23.46 27.69 -3.38
C LEU B 82 -22.80 27.22 -4.67
N SER B 83 -23.19 27.79 -5.81
CA SER B 83 -22.68 27.31 -7.09
C SER B 83 -21.17 27.53 -7.17
N PRO B 84 -20.38 26.62 -7.79
CA PRO B 84 -18.92 26.78 -7.83
C PRO B 84 -18.51 28.06 -8.57
N THR B 85 -19.33 28.52 -9.53
CA THR B 85 -19.01 29.71 -10.28
C THR B 85 -19.62 30.98 -9.67
N ASN B 86 -20.21 30.87 -8.48
CA ASN B 86 -20.78 32.01 -7.76
C ASN B 86 -21.89 32.68 -8.58
N ASP B 87 -22.89 31.88 -8.96
CA ASP B 87 -23.99 32.40 -9.82
C ASP B 87 -25.33 32.34 -9.08
N LEU B 88 -25.45 31.48 -8.07
CA LEU B 88 -26.76 31.31 -7.36
C LEU B 88 -26.53 30.68 -5.99
N MET B 89 -27.56 30.72 -5.12
CA MET B 89 -27.44 30.15 -3.75
C MET B 89 -28.76 29.45 -3.37
N VAL B 90 -28.68 28.22 -2.87
CA VAL B 90 -29.87 27.49 -2.44
C VAL B 90 -29.77 27.29 -0.93
N ILE B 91 -30.81 27.66 -0.20
CA ILE B 91 -30.87 27.46 1.25
C ILE B 91 -32.27 26.96 1.58
N ALA B 92 -32.39 25.68 1.95
CA ALA B 92 -33.68 25.06 2.21
C ALA B 92 -33.72 24.51 3.62
N ARG B 93 -34.82 24.76 4.34
CA ARG B 93 -34.88 24.34 5.74
C ARG B 93 -35.56 23.00 5.97
N GLU B 94 -36.86 22.90 5.73
CA GLU B 94 -37.58 21.64 5.89
C GLU B 94 -38.26 21.21 4.61
N GLN B 95 -39.10 22.07 4.04
CA GLN B 95 -39.65 21.88 2.71
C GLN B 95 -39.70 23.20 1.95
N LYS B 96 -39.04 24.23 2.48
CA LYS B 96 -39.05 25.57 1.92
C LYS B 96 -37.64 25.95 1.54
N ALA B 97 -37.46 26.35 0.28
CA ALA B 97 -36.10 26.66 -0.24
C ALA B 97 -36.02 28.06 -0.81
N VAL B 98 -35.13 28.90 -0.25
CA VAL B 98 -34.89 30.24 -0.76
C VAL B 98 -33.75 30.18 -1.78
N PHE B 99 -33.98 30.76 -2.95
CA PHE B 99 -32.96 30.89 -3.99
C PHE B 99 -32.47 32.33 -4.01
N LEU B 100 -31.16 32.52 -3.90
CA LEU B 100 -30.54 33.84 -3.83
C LEU B 100 -29.72 34.10 -5.08
N VAL B 101 -29.87 35.30 -5.64
CA VAL B 101 -29.29 35.69 -6.92
C VAL B 101 -28.37 36.90 -6.71
N PRO B 102 -27.22 36.96 -7.37
CA PRO B 102 -26.31 38.09 -7.17
C PRO B 102 -26.86 39.38 -7.77
N LYS B 103 -26.23 40.48 -7.39
CA LYS B 103 -26.57 41.78 -7.95
C LYS B 103 -25.41 42.74 -7.69
N TRP B 104 -24.77 43.22 -8.75
CA TRP B 104 -23.63 44.12 -8.62
C TRP B 104 -24.13 45.55 -8.45
N LYS B 105 -23.81 46.15 -7.31
CA LYS B 105 -24.27 47.49 -6.97
C LYS B 105 -23.07 48.43 -6.85
N TYR B 106 -23.17 49.59 -7.50
CA TYR B 106 -22.13 50.60 -7.37
C TYR B 106 -22.21 51.23 -5.98
N SER B 107 -21.14 51.12 -5.22
CA SER B 107 -21.10 51.67 -3.87
C SER B 107 -20.83 53.18 -3.95
N ASP B 108 -20.54 53.78 -2.80
CA ASP B 108 -20.24 55.24 -2.77
C ASP B 108 -18.95 55.50 -3.57
N LYS B 109 -18.03 54.54 -3.59
CA LYS B 109 -16.78 54.68 -4.31
C LYS B 109 -16.85 54.16 -5.74
N GLY B 110 -18.01 53.67 -6.17
CA GLY B 110 -18.19 53.18 -7.53
C GLY B 110 -17.90 51.71 -7.73
N LYS B 111 -17.41 51.01 -6.70
CA LYS B 111 -17.13 49.59 -6.83
C LYS B 111 -18.43 48.81 -6.91
N GLU B 112 -18.54 47.93 -7.90
CA GLU B 112 -19.71 47.07 -8.05
C GLU B 112 -19.53 45.81 -7.21
N GLU B 113 -19.67 45.99 -5.90
CA GLU B 113 -19.44 44.90 -4.97
C GLU B 113 -20.53 43.83 -5.10
N MET B 114 -20.15 42.58 -4.89
CA MET B 114 -21.06 41.46 -5.05
C MET B 114 -21.94 41.32 -3.83
N GLN B 115 -23.26 41.26 -4.03
CA GLN B 115 -24.21 41.16 -2.93
C GLN B 115 -25.36 40.26 -3.35
N PHE B 116 -25.49 39.11 -2.68
CA PHE B 116 -26.63 38.23 -2.93
C PHE B 116 -27.91 38.88 -2.44
N ALA B 117 -28.99 38.68 -3.21
CA ALA B 117 -30.31 39.21 -2.82
C ALA B 117 -31.34 38.11 -3.10
N VAL B 118 -32.26 37.86 -2.16
CA VAL B 118 -33.23 36.74 -2.34
C VAL B 118 -33.84 36.84 -3.75
N GLY B 119 -33.58 35.84 -4.61
CA GLY B 119 -34.16 35.85 -5.96
C GLY B 119 -35.51 35.14 -5.98
N TRP B 120 -35.62 34.02 -5.26
CA TRP B 120 -36.91 33.29 -5.17
C TRP B 120 -37.05 32.63 -3.80
N SER B 121 -38.28 32.50 -3.31
CA SER B 121 -38.52 31.82 -2.00
C SER B 121 -39.92 31.20 -2.00
N GLY B 122 -40.01 29.89 -1.78
CA GLY B 122 -41.32 29.21 -1.80
C GLY B 122 -41.24 27.78 -1.27
N SER B 123 -42.37 27.08 -1.23
CA SER B 123 -42.41 25.67 -0.75
C SER B 123 -42.22 24.73 -1.94
N LEU B 124 -41.56 23.58 -1.71
CA LEU B 124 -41.24 22.63 -2.81
C LEU B 124 -41.95 21.30 -2.54
N ASN B 125 -42.79 21.23 -1.51
CA ASN B 125 -43.45 19.96 -1.12
C ASN B 125 -44.70 19.74 -1.98
N VAL B 126 -44.68 18.70 -2.83
CA VAL B 126 -45.86 18.39 -3.63
C VAL B 126 -46.80 17.43 -2.90
N GLU B 127 -46.23 16.45 -2.20
CA GLU B 127 -47.01 15.50 -1.43
C GLU B 127 -47.20 16.04 -0.01
N GLU B 128 -47.71 15.19 0.88
CA GLU B 128 -47.93 15.54 2.28
C GLU B 128 -46.89 14.85 3.14
N GLY B 129 -46.24 15.61 4.02
CA GLY B 129 -45.15 15.08 4.82
C GLY B 129 -43.83 14.97 4.09
N GLU B 130 -43.74 15.50 2.88
CA GLU B 130 -42.52 15.42 2.09
C GLU B 130 -41.54 16.49 2.54
N CYS B 131 -40.30 16.08 2.82
CA CYS B 131 -39.27 17.04 3.31
C CYS B 131 -37.97 16.87 2.52
N VAL B 132 -37.18 17.94 2.35
CA VAL B 132 -35.94 17.86 1.52
C VAL B 132 -34.85 17.12 2.30
N THR B 133 -33.89 16.50 1.60
CA THR B 133 -32.76 15.80 2.28
C THR B 133 -31.43 16.32 1.73
N SER B 134 -31.44 17.06 0.61
CA SER B 134 -30.18 17.59 0.03
C SER B 134 -30.47 18.61 -1.07
N ALA B 135 -29.46 19.38 -1.48
CA ALA B 135 -29.62 20.36 -2.55
C ALA B 135 -28.32 20.45 -3.33
N LEU B 136 -28.42 20.92 -4.58
CA LEU B 136 -27.22 20.98 -5.46
C LEU B 136 -27.40 22.09 -6.51
N CYS B 137 -26.35 22.84 -6.79
CA CYS B 137 -26.35 23.90 -7.79
C CYS B 137 -25.25 23.62 -8.81
N ILE B 138 -25.64 23.18 -9.99
CA ILE B 138 -24.71 22.75 -11.03
C ILE B 138 -24.73 23.81 -12.14
N PRO B 139 -23.64 24.53 -12.38
CA PRO B 139 -23.55 25.36 -13.59
C PRO B 139 -23.47 24.49 -14.83
N LEU B 140 -23.97 25.03 -15.94
CA LEU B 140 -23.98 24.33 -17.21
C LEU B 140 -23.15 25.11 -18.22
N ALA B 141 -22.19 24.44 -18.85
CA ALA B 141 -21.36 25.11 -19.83
C ALA B 141 -22.14 25.35 -21.12
N SER B 142 -21.74 26.40 -21.83
CA SER B 142 -22.42 26.81 -23.05
C SER B 142 -21.83 26.09 -24.26
N GLN B 143 -22.72 25.61 -25.14
CA GLN B 143 -22.29 24.99 -26.38
C GLN B 143 -22.02 26.00 -27.49
N LYS B 144 -22.22 27.29 -27.22
CA LYS B 144 -22.06 28.35 -28.21
C LYS B 144 -20.63 28.86 -28.29
N ARG B 145 -19.70 28.24 -27.57
CA ARG B 145 -18.30 28.66 -27.53
C ARG B 145 -18.18 30.11 -27.07
N SER B 146 -18.97 30.45 -26.06
CA SER B 146 -19.00 31.81 -25.53
C SER B 146 -17.74 32.08 -24.72
N SER B 147 -16.91 33.00 -25.21
CA SER B 147 -15.68 33.32 -24.51
C SER B 147 -15.95 34.01 -23.18
N THR B 148 -17.10 34.67 -23.05
CA THR B 148 -17.44 35.33 -21.80
C THR B 148 -17.79 34.31 -20.73
N GLY B 149 -17.59 34.71 -19.48
CA GLY B 149 -17.87 33.82 -18.35
C GLY B 149 -19.34 33.76 -17.99
N ARG B 150 -20.17 33.32 -18.93
CA ARG B 150 -21.61 33.19 -18.71
C ARG B 150 -22.02 31.75 -18.95
N PRO B 151 -22.07 30.90 -17.92
CA PRO B 151 -22.70 29.59 -18.10
C PRO B 151 -24.17 29.77 -18.43
N ASP B 152 -24.74 28.77 -19.14
CA ASP B 152 -26.16 28.89 -19.57
C ASP B 152 -27.06 29.12 -18.36
N TRP B 153 -26.94 28.28 -17.32
CA TRP B 153 -27.81 28.38 -16.17
C TRP B 153 -27.29 27.44 -15.09
N THR B 154 -27.78 27.64 -13.86
CA THR B 154 -27.39 26.80 -12.73
C THR B 154 -28.61 25.98 -12.30
N CYS B 155 -28.66 24.73 -12.74
CA CYS B 155 -29.77 23.87 -12.37
C CYS B 155 -29.72 23.52 -10.90
N ILE B 156 -30.90 23.34 -10.29
CA ILE B 156 -31.02 23.02 -8.87
C ILE B 156 -31.56 21.61 -8.76
N VAL B 157 -30.79 20.72 -8.16
CA VAL B 157 -31.15 19.31 -7.98
C VAL B 157 -31.43 19.08 -6.51
N VAL B 158 -32.65 18.65 -6.19
CA VAL B 158 -33.10 18.50 -4.81
C VAL B 158 -33.59 17.08 -4.61
N GLY B 159 -33.34 16.52 -3.44
CA GLY B 159 -33.80 15.20 -3.09
C GLY B 159 -34.65 15.25 -1.83
N PHE B 160 -35.76 14.51 -1.84
CA PHE B 160 -36.76 14.57 -0.79
C PHE B 160 -36.77 13.28 0.02
N THR B 161 -37.50 13.30 1.14
CA THR B 161 -37.57 12.11 2.03
C THR B 161 -38.43 11.03 1.40
N SER B 162 -39.42 11.41 0.58
CA SER B 162 -40.30 10.40 0.00
C SER B 162 -39.61 9.55 -1.05
N GLY B 163 -38.48 10.00 -1.58
CA GLY B 163 -37.80 9.32 -2.65
C GLY B 163 -37.82 10.05 -3.99
N TYR B 164 -37.95 11.37 -3.98
CA TYR B 164 -38.06 12.14 -5.21
C TYR B 164 -36.79 12.93 -5.46
N VAL B 165 -36.37 12.97 -6.72
CA VAL B 165 -35.32 13.86 -7.19
C VAL B 165 -35.96 14.83 -8.17
N ARG B 166 -35.83 16.12 -7.89
CA ARG B 166 -36.50 17.17 -8.65
C ARG B 166 -35.50 18.23 -9.07
N PHE B 167 -35.65 18.68 -10.32
CA PHE B 167 -34.75 19.63 -10.95
C PHE B 167 -35.53 20.90 -11.28
N TYR B 168 -35.11 22.01 -10.67
CA TYR B 168 -35.67 23.33 -10.90
C TYR B 168 -34.66 24.23 -11.61
N THR B 169 -35.16 25.32 -12.19
CA THR B 169 -34.32 26.38 -12.72
C THR B 169 -34.04 27.40 -11.62
N GLU B 170 -33.29 28.44 -11.96
CA GLU B 170 -32.91 29.47 -10.95
C GLU B 170 -34.17 30.23 -10.52
N ASN B 171 -35.08 30.50 -11.45
CA ASN B 171 -36.33 31.24 -11.14
C ASN B 171 -37.17 30.42 -10.15
N GLY B 172 -37.11 29.10 -10.23
CA GLY B 172 -37.91 28.24 -9.34
C GLY B 172 -38.83 27.34 -10.13
N VAL B 173 -39.03 27.65 -11.42
CA VAL B 173 -39.86 26.82 -12.28
C VAL B 173 -39.41 25.37 -12.16
N LEU B 174 -40.37 24.46 -12.02
CA LEU B 174 -40.06 23.05 -11.93
C LEU B 174 -39.83 22.48 -13.32
N LEU B 175 -38.69 21.82 -13.52
CA LEU B 175 -38.35 21.23 -14.80
C LEU B 175 -38.59 19.72 -14.82
N LEU B 176 -37.97 19.00 -13.89
CA LEU B 176 -38.09 17.51 -13.91
C LEU B 176 -38.29 16.97 -12.50
N ALA B 177 -39.09 15.90 -12.35
CA ALA B 177 -39.29 15.25 -11.05
C ALA B 177 -39.15 13.73 -11.24
N GLN B 178 -38.24 13.08 -10.50
CA GLN B 178 -37.99 11.63 -10.72
C GLN B 178 -37.99 10.89 -9.38
N LEU B 179 -38.64 9.72 -9.33
CA LEU B 179 -38.63 8.90 -8.09
C LEU B 179 -37.83 7.61 -8.35
N LEU B 180 -36.64 7.50 -7.75
CA LEU B 180 -35.78 6.31 -7.99
C LEU B 180 -36.19 5.19 -7.03
N ASN B 181 -36.19 5.47 -5.72
CA ASN B 181 -36.55 4.45 -4.71
C ASN B 181 -37.46 5.09 -3.66
N GLU B 182 -38.31 4.30 -3.01
CA GLU B 182 -39.28 4.83 -2.00
C GLU B 182 -38.52 5.31 -0.76
N ASP B 183 -37.29 4.83 -0.56
CA ASP B 183 -36.53 5.20 0.63
C ASP B 183 -36.04 6.64 0.52
N PRO B 184 -35.78 7.30 1.66
CA PRO B 184 -35.32 8.70 1.62
C PRO B 184 -34.00 8.84 0.90
N VAL B 185 -33.81 9.99 0.26
CA VAL B 185 -32.56 10.31 -0.42
C VAL B 185 -31.55 10.81 0.60
N LEU B 186 -30.39 10.15 0.67
CA LEU B 186 -29.40 10.44 1.69
C LEU B 186 -28.41 11.51 1.25
N GLN B 187 -27.73 11.28 0.11
CA GLN B 187 -26.71 12.21 -0.36
C GLN B 187 -26.78 12.33 -1.88
N LEU B 188 -26.20 13.44 -2.37
CA LEU B 188 -26.11 13.69 -3.84
C LEU B 188 -24.68 14.15 -4.13
N LYS B 189 -23.98 13.50 -5.06
CA LYS B 189 -22.57 13.82 -5.39
C LYS B 189 -22.42 13.94 -6.91
N CYS B 190 -21.96 15.09 -7.41
CA CYS B 190 -21.82 15.31 -8.87
C CYS B 190 -20.34 15.30 -9.28
N ARG B 191 -20.02 14.60 -10.37
CA ARG B 191 -18.61 14.54 -10.85
C ARG B 191 -18.53 15.30 -12.18
N THR B 192 -17.66 16.31 -12.26
CA THR B 192 -17.57 17.15 -13.50
C THR B 192 -16.24 16.90 -14.20
N TYR B 193 -15.74 17.89 -14.95
CA TYR B 193 -14.49 17.70 -15.74
C TYR B 193 -13.33 18.44 -15.08
N GLU B 194 -12.16 17.81 -15.02
CA GLU B 194 -10.97 18.43 -14.47
C GLU B 194 -9.77 18.08 -15.35
N ILE B 195 -8.96 19.09 -15.64
CA ILE B 195 -7.79 18.90 -16.51
C ILE B 195 -6.70 18.16 -15.74
N PRO B 196 -5.96 17.25 -16.38
CA PRO B 196 -4.96 16.48 -15.65
C PRO B 196 -3.80 17.34 -15.16
N ARG B 197 -3.22 16.92 -14.03
CA ARG B 197 -2.05 17.65 -13.48
C ARG B 197 -0.82 17.30 -14.32
N HIS B 198 -0.65 16.01 -14.64
CA HIS B 198 0.54 15.58 -15.45
C HIS B 198 0.10 14.44 -16.36
N PRO B 199 0.93 13.99 -17.33
CA PRO B 199 0.52 12.95 -18.29
C PRO B 199 -0.06 11.71 -17.59
N GLY B 200 0.54 11.31 -16.45
CA GLY B 200 0.06 10.10 -15.74
C GLY B 200 -1.39 10.22 -15.33
N VAL B 201 -1.83 11.41 -14.93
CA VAL B 201 -3.23 11.61 -14.46
C VAL B 201 -4.19 11.18 -15.57
N THR B 202 -5.17 10.34 -15.24
CA THR B 202 -6.17 9.88 -16.25
C THR B 202 -7.44 10.73 -16.12
N GLU B 203 -8.52 10.34 -16.80
CA GLU B 203 -9.80 11.10 -16.75
C GLU B 203 -10.93 10.15 -16.32
N GLN B 204 -11.89 10.66 -15.57
CA GLN B 204 -13.05 9.83 -15.13
C GLN B 204 -14.33 10.38 -15.79
N ASN B 205 -15.31 9.51 -16.05
CA ASN B 205 -16.52 9.94 -16.73
C ASN B 205 -17.31 10.94 -15.89
N GLU B 206 -18.01 11.83 -16.60
CA GLU B 206 -18.90 12.79 -15.90
C GLU B 206 -20.04 11.96 -15.32
N GLU B 207 -20.39 12.16 -14.05
CA GLU B 207 -21.36 11.32 -13.37
C GLU B 207 -22.06 12.13 -12.30
N LEU B 208 -23.26 11.67 -11.93
CA LEU B 208 -24.00 12.14 -10.77
C LEU B 208 -24.51 10.93 -10.02
N SER B 209 -24.26 10.88 -8.71
CA SER B 209 -24.65 9.69 -7.92
C SER B 209 -25.62 10.06 -6.79
N ILE B 210 -26.56 9.17 -6.47
CA ILE B 210 -27.53 9.41 -5.37
C ILE B 210 -27.37 8.30 -4.33
N LEU B 211 -27.05 8.66 -3.09
CA LEU B 211 -26.82 7.64 -2.03
C LEU B 211 -28.17 7.24 -1.42
N TYR B 212 -28.39 5.94 -1.23
CA TYR B 212 -29.63 5.45 -0.57
C TYR B 212 -29.23 4.67 0.68
N PRO B 213 -30.14 4.40 1.65
CA PRO B 213 -29.76 3.73 2.89
C PRO B 213 -28.97 2.44 2.63
N ALA B 214 -29.44 1.60 1.70
CA ALA B 214 -28.74 0.34 1.37
C ALA B 214 -28.73 0.14 -0.15
N ALA B 215 -28.56 1.22 -0.91
CA ALA B 215 -28.56 1.13 -2.40
C ALA B 215 -27.67 2.23 -2.99
N ILE B 216 -27.14 2.00 -4.20
CA ILE B 216 -26.33 3.06 -4.89
C ILE B 216 -27.01 3.35 -6.24
N VAL B 217 -27.39 4.60 -6.47
CA VAL B 217 -28.01 4.99 -7.78
C VAL B 217 -27.08 5.98 -8.49
N THR B 218 -26.74 5.70 -9.74
CA THR B 218 -25.83 6.58 -10.52
C THR B 218 -26.53 7.05 -11.80
N ILE B 219 -26.44 8.35 -12.10
CA ILE B 219 -27.04 8.90 -13.35
C ILE B 219 -25.92 9.46 -14.23
N ASP B 220 -25.84 9.02 -15.49
CA ASP B 220 -24.78 9.49 -16.41
C ASP B 220 -24.93 11.01 -16.62
N GLY B 221 -23.85 11.76 -16.41
CA GLY B 221 -23.90 13.20 -16.59
C GLY B 221 -24.30 13.65 -17.98
N PHE B 222 -23.96 12.86 -19.00
CA PHE B 222 -24.34 13.23 -20.36
C PHE B 222 -25.84 13.18 -20.55
N SER B 223 -26.50 12.20 -19.95
CA SER B 223 -27.96 12.13 -20.03
C SER B 223 -28.59 13.35 -19.36
N LEU B 224 -28.05 13.79 -18.22
CA LEU B 224 -28.54 14.99 -17.59
C LEU B 224 -28.33 16.21 -18.47
N PHE B 225 -27.17 16.29 -19.13
CA PHE B 225 -26.91 17.43 -20.01
C PHE B 225 -27.82 17.44 -21.22
N GLN B 226 -28.24 16.26 -21.69
CA GLN B 226 -29.12 16.17 -22.84
C GLN B 226 -30.60 16.23 -22.50
N SER B 227 -30.96 16.06 -21.22
CA SER B 227 -32.34 16.20 -20.80
C SER B 227 -32.66 17.56 -20.22
N LEU B 228 -31.73 18.12 -19.43
CA LEU B 228 -32.00 19.42 -18.76
C LEU B 228 -32.21 20.52 -19.80
N ARG B 229 -31.23 20.70 -20.66
CA ARG B 229 -31.35 21.69 -21.74
C ARG B 229 -32.70 21.54 -22.43
N ALA B 230 -33.02 20.34 -22.91
CA ALA B 230 -34.29 20.08 -23.64
C ALA B 230 -35.46 20.57 -22.80
N CYS B 231 -35.59 20.08 -21.55
CA CYS B 231 -36.69 20.49 -20.69
C CYS B 231 -36.76 22.01 -20.56
N ARG B 232 -35.61 22.67 -20.40
CA ARG B 232 -35.61 24.12 -20.29
C ARG B 232 -36.07 24.77 -21.59
N ASN B 233 -35.63 24.24 -22.74
CA ASN B 233 -36.05 24.78 -24.02
C ASN B 233 -37.56 24.62 -24.21
N GLN B 234 -38.09 23.46 -23.85
CA GLN B 234 -39.54 23.24 -23.95
C GLN B 234 -40.29 24.21 -23.05
N VAL B 235 -39.82 24.40 -21.82
CA VAL B 235 -40.49 25.29 -20.88
C VAL B 235 -40.46 26.73 -21.39
N ALA B 236 -39.28 27.15 -21.88
CA ALA B 236 -39.14 28.51 -22.42
C ALA B 236 -40.06 28.66 -23.64
N LYS B 237 -40.06 27.68 -24.53
CA LYS B 237 -40.94 27.73 -25.73
C LYS B 237 -42.40 27.69 -25.27
N ALA B 238 -42.72 26.85 -24.28
CA ALA B 238 -44.09 26.77 -23.75
C ALA B 238 -44.51 28.14 -23.19
N ALA B 239 -43.54 28.88 -22.62
CA ALA B 239 -43.85 30.21 -22.04
C ALA B 239 -44.30 31.15 -23.17
N ALA B 240 -43.66 31.08 -24.35
CA ALA B 240 -43.98 32.03 -25.44
C ALA B 240 -44.69 31.29 -26.59
N SER B 241 -43.97 30.41 -27.29
CA SER B 241 -44.56 29.69 -28.45
C SER B 241 -45.79 28.90 -28.01
N GLY B 242 -45.87 28.55 -26.71
CA GLY B 242 -47.01 27.76 -26.21
C GLY B 242 -46.81 26.28 -26.44
N ASN B 243 -45.54 25.84 -26.57
CA ASN B 243 -45.24 24.40 -26.79
C ASN B 243 -46.10 23.55 -25.85
N GLU B 244 -46.81 22.56 -26.40
CA GLU B 244 -47.68 21.68 -25.58
C GLU B 244 -46.81 20.85 -24.64
N ASN B 245 -47.41 20.30 -23.57
CA ASN B 245 -46.65 19.46 -22.60
C ASN B 245 -45.94 18.33 -23.36
N ILE B 246 -44.79 17.88 -22.86
CA ILE B 246 -44.00 16.83 -23.58
C ILE B 246 -43.89 15.59 -22.69
N GLN B 247 -44.22 14.41 -23.23
CA GLN B 247 -44.02 13.16 -22.46
C GLN B 247 -42.66 13.20 -21.76
N PRO B 248 -42.60 13.09 -20.42
CA PRO B 248 -41.33 13.20 -19.69
C PRO B 248 -40.43 12.01 -19.99
N PRO B 249 -39.27 12.25 -20.60
CA PRO B 249 -38.37 11.14 -20.94
C PRO B 249 -37.65 10.62 -19.71
N PRO B 250 -37.53 9.30 -19.58
CA PRO B 250 -36.77 8.74 -18.46
C PRO B 250 -35.27 8.95 -18.63
N LEU B 251 -34.56 8.90 -17.52
CA LEU B 251 -33.12 9.07 -17.47
C LEU B 251 -32.42 7.72 -17.33
N ALA B 252 -31.09 7.76 -17.41
CA ALA B 252 -30.29 6.59 -17.09
C ALA B 252 -30.42 6.28 -15.60
N TYR B 253 -30.36 5.00 -15.26
CA TYR B 253 -30.70 4.58 -13.90
C TYR B 253 -30.09 3.21 -13.64
N LYS B 254 -29.07 3.15 -12.80
CA LYS B 254 -28.42 1.90 -12.41
C LYS B 254 -28.46 1.79 -10.89
N LYS B 255 -29.34 0.93 -10.38
CA LYS B 255 -29.49 0.78 -8.90
C LYS B 255 -28.63 -0.39 -8.42
N TRP B 256 -27.66 -0.12 -7.54
CA TRP B 256 -26.81 -1.20 -6.97
C TRP B 256 -27.36 -1.60 -5.60
N GLY B 257 -27.53 -2.90 -5.37
CA GLY B 257 -28.03 -3.38 -4.06
C GLY B 257 -26.88 -3.61 -3.09
N LEU B 258 -26.61 -2.68 -2.18
CA LEU B 258 -25.48 -2.82 -1.21
C LEU B 258 -25.72 -4.00 -0.26
N GLN B 259 -24.67 -4.55 0.36
CA GLN B 259 -24.84 -5.77 1.21
C GLN B 259 -23.79 -5.88 2.32
N ASP B 260 -23.96 -6.86 3.23
CA ASP B 260 -23.07 -7.09 4.41
C ASP B 260 -22.72 -5.78 5.10
N ILE B 261 -23.68 -4.86 5.16
CA ILE B 261 -23.50 -3.57 5.88
C ILE B 261 -24.73 -3.37 6.78
N ASP B 262 -24.55 -2.75 7.95
CA ASP B 262 -25.69 -2.53 8.88
C ASP B 262 -26.19 -1.10 8.72
N THR B 263 -25.30 -0.12 8.83
CA THR B 263 -25.71 1.31 8.72
C THR B 263 -24.73 2.05 7.80
N ILE B 264 -25.23 2.79 6.81
CA ILE B 264 -24.35 3.59 5.92
C ILE B 264 -24.81 5.07 5.99
N ILE B 265 -23.86 5.99 6.18
CA ILE B 265 -24.23 7.43 6.33
C ILE B 265 -23.78 8.21 5.08
N ASP B 266 -22.52 8.03 4.67
CA ASP B 266 -21.99 8.78 3.54
C ASP B 266 -21.33 7.82 2.56
N HIS B 267 -21.00 8.36 1.38
CA HIS B 267 -20.33 7.57 0.35
C HIS B 267 -19.52 8.50 -0.53
N ALA B 268 -18.55 7.91 -1.22
CA ALA B 268 -17.73 8.63 -2.18
C ALA B 268 -17.50 7.72 -3.38
N SER B 269 -17.62 8.30 -4.57
CA SER B 269 -17.48 7.54 -5.82
C SER B 269 -16.05 7.71 -6.31
N VAL B 270 -15.19 6.77 -5.92
CA VAL B 270 -13.82 6.74 -6.44
C VAL B 270 -13.84 6.54 -7.94
N GLY B 271 -14.69 5.63 -8.43
CA GLY B 271 -14.89 5.52 -9.86
C GLY B 271 -14.16 4.37 -10.50
N ILE B 272 -13.86 4.49 -11.79
CA ILE B 272 -13.24 3.41 -12.55
C ILE B 272 -11.73 3.44 -12.34
N MET B 273 -11.16 2.24 -12.21
CA MET B 273 -9.70 2.11 -11.97
C MET B 273 -9.18 0.87 -12.69
N THR B 274 -7.88 0.79 -12.91
CA THR B 274 -7.23 -0.33 -13.57
C THR B 274 -6.14 -0.90 -12.67
N LEU B 275 -5.91 -2.20 -12.78
CA LEU B 275 -4.96 -2.91 -11.94
C LEU B 275 -3.75 -3.36 -12.76
N SER B 276 -2.57 -3.19 -12.18
CA SER B 276 -1.35 -3.73 -12.75
C SER B 276 -1.34 -5.26 -12.60
N PRO B 277 -0.57 -5.96 -13.42
CA PRO B 277 -0.44 -7.42 -13.21
C PRO B 277 0.07 -7.78 -11.83
N PHE B 278 1.01 -7.00 -11.28
CA PHE B 278 1.48 -7.24 -9.91
C PHE B 278 0.32 -7.15 -8.92
N ASP B 279 -0.44 -6.06 -9.01
CA ASP B 279 -1.60 -5.88 -8.10
C ASP B 279 -2.60 -7.02 -8.33
N GLN B 280 -2.91 -7.32 -9.60
CA GLN B 280 -3.87 -8.37 -9.89
C GLN B 280 -3.45 -9.67 -9.21
N MET B 281 -2.18 -10.05 -9.36
CA MET B 281 -1.70 -11.28 -8.74
C MET B 281 -1.76 -11.21 -7.22
N LYS B 282 -1.42 -10.06 -6.64
CA LYS B 282 -1.47 -9.90 -5.19
C LYS B 282 -2.88 -10.10 -4.66
N THR B 283 -3.85 -9.38 -5.24
CA THR B 283 -5.22 -9.48 -4.76
C THR B 283 -5.79 -10.87 -5.01
N ALA B 284 -5.47 -11.49 -6.15
CA ALA B 284 -5.95 -12.84 -6.40
C ALA B 284 -5.36 -13.82 -5.39
N SER B 285 -4.07 -13.69 -5.09
CA SER B 285 -3.44 -14.56 -4.10
C SER B 285 -4.12 -14.44 -2.75
N ASN B 286 -4.31 -13.20 -2.29
CA ASN B 286 -4.93 -12.98 -0.95
C ASN B 286 -6.37 -13.50 -0.95
N ILE B 287 -7.15 -13.21 -2.00
CA ILE B 287 -8.56 -13.60 -2.03
C ILE B 287 -8.71 -15.11 -2.10
N GLY B 288 -7.76 -15.79 -2.76
CA GLY B 288 -7.79 -17.22 -2.97
C GLY B 288 -6.90 -17.91 -1.97
N GLY B 289 -5.66 -18.14 -2.34
CA GLY B 289 -4.79 -19.02 -1.60
C GLY B 289 -3.76 -19.63 -2.53
N PHE B 290 -3.37 -20.87 -2.20
CA PHE B 290 -2.36 -21.55 -3.02
C PHE B 290 -2.95 -22.03 -4.34
N ASN B 291 -4.15 -22.60 -4.31
CA ASN B 291 -4.74 -23.22 -5.48
C ASN B 291 -5.52 -22.24 -6.35
N ALA B 292 -5.48 -20.96 -5.98
CA ALA B 292 -6.21 -19.91 -6.72
C ALA B 292 -5.65 -19.78 -8.14
N ALA B 293 -6.50 -19.41 -9.10
CA ALA B 293 -6.09 -19.24 -10.48
C ALA B 293 -6.00 -17.76 -10.83
N ILE B 294 -5.36 -17.48 -11.96
CA ILE B 294 -5.16 -16.12 -12.45
C ILE B 294 -5.77 -16.02 -13.84
N LYS B 295 -6.65 -15.03 -14.02
CA LYS B 295 -7.22 -14.76 -15.33
C LYS B 295 -6.22 -13.99 -16.19
N ASN B 296 -6.33 -14.18 -17.50
CA ASN B 296 -5.46 -13.51 -18.46
C ASN B 296 -6.09 -12.23 -19.03
N SER B 297 -7.13 -11.73 -18.35
CA SER B 297 -7.79 -10.47 -18.79
C SER B 297 -8.32 -9.72 -17.55
N PRO B 298 -7.51 -8.86 -16.90
CA PRO B 298 -7.95 -8.17 -15.69
C PRO B 298 -9.18 -7.30 -15.95
N PRO B 299 -10.30 -7.49 -15.21
CA PRO B 299 -11.51 -6.71 -15.41
C PRO B 299 -11.47 -5.35 -14.69
N ALA B 300 -12.13 -4.35 -15.28
CA ALA B 300 -12.18 -3.00 -14.67
C ALA B 300 -13.24 -2.99 -13.58
N MET B 301 -12.95 -2.39 -12.41
CA MET B 301 -13.91 -2.46 -11.32
C MET B 301 -14.11 -1.07 -10.74
N SER B 302 -15.35 -0.59 -10.76
CA SER B 302 -15.66 0.70 -10.15
C SER B 302 -15.65 0.57 -8.64
N GLN B 303 -14.98 1.51 -7.98
CA GLN B 303 -14.80 1.49 -6.53
C GLN B 303 -15.65 2.58 -5.89
N TYR B 304 -16.40 2.20 -4.86
CA TYR B 304 -17.11 3.09 -3.96
C TYR B 304 -16.62 2.86 -2.54
N ILE B 305 -16.74 3.88 -1.70
CA ILE B 305 -16.38 3.79 -0.29
C ILE B 305 -17.57 4.26 0.52
N THR B 306 -17.90 3.50 1.58
CA THR B 306 -19.09 3.83 2.41
C THR B 306 -18.75 3.81 3.89
N VAL B 307 -18.97 4.93 4.59
CA VAL B 307 -18.76 5.00 6.03
C VAL B 307 -20.10 4.83 6.73
N GLY B 308 -20.04 4.54 8.03
CA GLY B 308 -21.24 4.25 8.78
C GLY B 308 -20.99 3.46 10.04
N SER B 309 -21.70 2.33 10.18
CA SER B 309 -21.54 1.47 11.35
C SER B 309 -21.73 0.02 10.93
N ASN B 310 -20.80 -0.81 11.44
CA ASN B 310 -20.85 -2.27 11.19
C ASN B 310 -20.94 -2.52 9.68
N PRO B 311 -19.81 -2.32 8.95
CA PRO B 311 -18.54 -1.94 9.57
C PRO B 311 -18.34 -0.42 9.57
N PHE B 312 -17.22 0.04 10.15
CA PHE B 312 -16.91 1.49 10.15
C PHE B 312 -16.77 1.97 8.70
N THR B 313 -15.90 1.32 7.92
CA THR B 313 -15.71 1.72 6.53
C THR B 313 -15.70 0.47 5.65
N GLY B 314 -16.40 0.54 4.53
CA GLY B 314 -16.47 -0.58 3.60
C GLY B 314 -16.16 -0.18 2.17
N PHE B 315 -15.33 -0.97 1.49
CA PHE B 315 -14.88 -0.67 0.14
C PHE B 315 -15.58 -1.61 -0.83
N PHE B 316 -16.42 -1.05 -1.70
CA PHE B 316 -17.22 -1.82 -2.64
C PHE B 316 -16.61 -1.75 -4.03
N TYR B 317 -16.53 -2.90 -4.70
CA TYR B 317 -16.04 -2.99 -6.06
C TYR B 317 -17.12 -3.63 -6.92
N ALA B 318 -17.46 -2.98 -8.03
CA ALA B 318 -18.51 -3.44 -8.93
C ALA B 318 -17.95 -3.63 -10.33
N LEU B 319 -18.36 -4.72 -10.98
CA LEU B 319 -17.86 -5.04 -12.31
C LEU B 319 -18.47 -4.09 -13.34
N GLU B 320 -17.60 -3.34 -14.03
CA GLU B 320 -18.06 -2.39 -15.03
C GLU B 320 -18.23 -3.07 -16.38
N GLY B 321 -19.37 -2.79 -17.03
CA GLY B 321 -19.71 -3.40 -18.29
C GLY B 321 -20.41 -4.74 -18.17
N SER B 322 -20.56 -5.28 -16.96
CA SER B 322 -21.20 -6.57 -16.79
C SER B 322 -22.71 -6.49 -16.97
N THR B 323 -23.33 -5.43 -16.46
CA THR B 323 -24.78 -5.23 -16.55
C THR B 323 -25.06 -3.95 -17.30
N GLN B 324 -25.96 -4.02 -18.29
CA GLN B 324 -26.31 -2.85 -19.07
C GLN B 324 -27.08 -1.85 -18.21
N PRO B 325 -26.87 -0.55 -18.43
CA PRO B 325 -27.61 0.45 -17.64
C PRO B 325 -29.08 0.49 -18.05
N LEU B 326 -29.96 0.56 -17.05
CA LEU B 326 -31.38 0.63 -17.32
C LEU B 326 -31.76 2.04 -17.78
N LEU B 327 -32.89 2.12 -18.49
CA LEU B 327 -33.38 3.39 -18.99
C LEU B 327 -34.74 3.73 -18.40
N GLN B 364 -42.03 7.02 -11.56
CA GLN B 364 -43.33 6.76 -10.96
C GLN B 364 -43.32 5.45 -10.18
N LYS B 365 -42.29 4.63 -10.42
CA LYS B 365 -42.19 3.32 -9.79
C LYS B 365 -40.88 3.21 -9.02
N PRO B 366 -40.93 2.88 -7.73
CA PRO B 366 -39.69 2.64 -6.98
C PRO B 366 -39.19 1.22 -7.15
N LYS B 367 -40.03 0.37 -7.76
CA LYS B 367 -39.75 -1.05 -7.87
C LYS B 367 -38.99 -1.41 -9.14
N VAL B 368 -38.21 -0.47 -9.69
CA VAL B 368 -37.34 -0.81 -10.80
C VAL B 368 -36.32 -1.85 -10.34
N GLU B 369 -36.10 -2.87 -11.15
CA GLU B 369 -35.23 -3.97 -10.76
C GLU B 369 -33.81 -3.46 -10.53
N PRO B 370 -33.15 -3.85 -9.44
CA PRO B 370 -31.77 -3.43 -9.23
C PRO B 370 -30.86 -3.90 -10.35
N ALA B 371 -29.92 -3.05 -10.73
CA ALA B 371 -29.01 -3.38 -11.81
C ALA B 371 -28.13 -4.57 -11.46
N THR B 372 -27.54 -4.54 -10.26
CA THR B 372 -26.62 -5.58 -9.84
C THR B 372 -26.49 -5.55 -8.32
N PRO B 373 -26.59 -6.69 -7.64
CA PRO B 373 -26.26 -6.72 -6.21
C PRO B 373 -24.80 -6.40 -5.97
N LEU B 374 -24.52 -5.73 -4.85
CA LEU B 374 -23.13 -5.30 -4.54
C LEU B 374 -22.77 -5.71 -3.10
N ALA B 375 -21.80 -6.62 -2.95
CA ALA B 375 -21.34 -7.05 -1.64
C ALA B 375 -19.99 -6.42 -1.33
N VAL B 376 -19.78 -6.12 -0.05
CA VAL B 376 -18.57 -5.44 0.38
C VAL B 376 -17.41 -6.44 0.38
N ARG B 377 -16.34 -6.10 -0.35
CA ARG B 377 -15.19 -6.97 -0.40
C ARG B 377 -14.42 -6.97 0.92
N PHE B 378 -14.14 -5.78 1.45
CA PHE B 378 -13.42 -5.66 2.70
C PHE B 378 -13.68 -4.29 3.30
N GLY B 379 -13.15 -4.08 4.50
CA GLY B 379 -13.32 -2.83 5.19
C GLY B 379 -12.55 -2.83 6.50
N LEU B 380 -12.89 -1.87 7.35
CA LEU B 380 -12.26 -1.72 8.65
C LEU B 380 -13.31 -2.01 9.72
N PRO B 381 -13.40 -3.26 10.26
CA PRO B 381 -14.47 -3.62 11.20
C PRO B 381 -14.38 -2.91 12.56
N ASP B 382 -15.22 -1.90 12.77
CA ASP B 382 -15.24 -1.22 14.10
C ASP B 382 -16.71 -1.00 14.46
N SER B 383 -17.30 -1.92 15.23
CA SER B 383 -18.75 -1.84 15.57
C SER B 383 -19.04 -0.58 16.38
N ARG B 384 -18.32 -0.37 17.49
CA ARG B 384 -18.57 0.81 18.37
C ARG B 384 -18.37 2.10 17.58
N ARG B 385 -17.47 2.08 16.58
CA ARG B 385 -17.18 3.29 15.77
C ARG B 385 -18.35 3.58 14.82
N HIS B 386 -18.71 4.86 14.65
CA HIS B 386 -19.80 5.21 13.71
C HIS B 386 -19.37 6.39 12.84
N GLY B 387 -19.01 6.12 11.58
CA GLY B 387 -18.58 7.18 10.69
C GLY B 387 -19.73 8.09 10.31
N GLU B 388 -19.41 9.34 9.95
CA GLU B 388 -20.45 10.30 9.62
C GLU B 388 -20.17 11.18 8.42
N SER B 389 -19.01 11.05 7.77
CA SER B 389 -18.72 11.85 6.58
C SER B 389 -17.50 11.26 5.88
N ILE B 390 -17.33 11.63 4.61
CA ILE B 390 -16.14 11.26 3.84
C ILE B 390 -15.99 12.19 2.63
N CYS B 391 -14.80 12.75 2.45
CA CYS B 391 -14.51 13.66 1.35
C CYS B 391 -13.22 13.24 0.66
N LEU B 392 -13.22 13.31 -0.66
CA LEU B 392 -12.10 12.87 -1.47
C LEU B 392 -11.19 14.05 -1.82
N SER B 393 -9.89 13.76 -1.96
CA SER B 393 -8.91 14.82 -2.31
C SER B 393 -9.03 15.16 -3.79
N PRO B 394 -8.67 16.38 -4.23
CA PRO B 394 -8.77 16.77 -5.64
C PRO B 394 -8.09 15.78 -6.58
N CYS B 395 -6.99 15.17 -6.15
CA CYS B 395 -6.30 14.19 -6.96
C CYS B 395 -6.93 12.80 -6.90
N ASN B 396 -7.94 12.64 -6.04
CA ASN B 396 -8.68 11.35 -5.93
C ASN B 396 -7.73 10.24 -5.48
N THR B 397 -6.77 10.57 -4.60
CA THR B 397 -5.84 9.53 -4.06
C THR B 397 -6.03 9.42 -2.55
N LEU B 398 -6.65 10.43 -1.93
CA LEU B 398 -6.78 10.42 -0.45
C LEU B 398 -8.24 10.70 -0.05
N ALA B 399 -8.68 10.14 1.09
CA ALA B 399 -10.01 10.40 1.59
C ALA B 399 -9.90 10.78 3.06
N ALA B 400 -10.81 11.64 3.52
CA ALA B 400 -10.83 12.07 4.91
C ALA B 400 -12.18 11.70 5.52
N VAL B 401 -12.15 10.94 6.61
CA VAL B 401 -13.36 10.39 7.22
C VAL B 401 -13.42 10.82 8.68
N THR B 402 -14.59 11.29 9.11
CA THR B 402 -14.81 11.72 10.47
C THR B 402 -15.72 10.73 11.18
N ASP B 403 -15.39 10.39 12.43
CA ASP B 403 -16.21 9.48 13.22
C ASP B 403 -16.86 10.22 14.37
N ASP B 404 -17.66 9.50 15.15
CA ASP B 404 -18.39 10.08 16.26
C ASP B 404 -17.57 10.15 17.55
N PHE B 405 -16.35 9.61 17.51
CA PHE B 405 -15.44 9.68 18.69
C PHE B 405 -14.71 11.02 18.67
N GLY B 406 -15.16 11.95 17.81
CA GLY B 406 -14.49 13.27 17.69
C GLY B 406 -13.07 13.13 17.16
N ARG B 407 -12.87 12.30 16.12
CA ARG B 407 -11.52 12.10 15.53
C ARG B 407 -11.64 12.03 14.00
N VAL B 408 -10.56 12.35 13.28
CA VAL B 408 -10.59 12.31 11.79
C VAL B 408 -9.44 11.43 11.28
N ILE B 409 -9.70 10.60 10.28
CA ILE B 409 -8.69 9.69 9.73
C ILE B 409 -8.50 10.03 8.26
N LEU B 410 -7.28 9.78 7.77
CA LEU B 410 -6.95 9.99 6.37
C LEU B 410 -6.56 8.65 5.76
N LEU B 411 -7.19 8.29 4.64
CA LEU B 411 -7.02 6.99 4.03
C LEU B 411 -6.44 7.14 2.63
N ASP B 412 -5.59 6.18 2.25
CA ASP B 412 -5.13 6.02 0.87
C ASP B 412 -6.08 5.04 0.19
N VAL B 413 -6.84 5.54 -0.80
CA VAL B 413 -7.90 4.72 -1.40
C VAL B 413 -7.31 3.56 -2.19
N ALA B 414 -6.11 3.72 -2.74
CA ALA B 414 -5.51 2.67 -3.56
C ALA B 414 -4.98 1.51 -2.74
N ARG B 415 -4.94 1.63 -1.41
CA ARG B 415 -4.47 0.57 -0.54
C ARG B 415 -5.46 0.16 0.54
N GLY B 416 -6.41 1.03 0.88
CA GLY B 416 -7.36 0.72 1.94
C GLY B 416 -6.79 0.72 3.33
N ILE B 417 -5.79 1.57 3.59
CA ILE B 417 -5.19 1.70 4.91
C ILE B 417 -5.19 3.17 5.30
N ALA B 418 -5.05 3.42 6.61
CA ALA B 418 -5.03 4.82 7.11
C ALA B 418 -3.59 5.33 7.16
N ILE B 419 -3.38 6.63 6.99
CA ILE B 419 -2.01 7.20 6.96
C ILE B 419 -1.82 8.07 8.20
N ARG B 420 -2.75 9.01 8.44
CA ARG B 420 -2.62 9.93 9.59
C ARG B 420 -4.00 10.15 10.24
N MET B 421 -4.08 10.12 11.57
CA MET B 421 -5.38 10.28 12.26
C MET B 421 -5.29 11.43 13.27
N TRP B 422 -5.87 12.58 12.91
CA TRP B 422 -5.81 13.77 13.79
C TRP B 422 -6.77 13.58 14.94
N LYS B 423 -6.63 14.39 16.00
CA LYS B 423 -7.50 14.15 17.18
C LYS B 423 -8.10 15.46 17.73
N GLY B 424 -9.23 15.35 18.43
CA GLY B 424 -9.87 16.54 19.03
C GLY B 424 -10.78 17.27 18.05
N TYR B 425 -11.56 16.54 17.26
CA TYR B 425 -12.39 17.22 16.22
C TYR B 425 -13.79 16.63 16.18
N ARG B 426 -14.62 16.96 17.16
CA ARG B 426 -16.01 16.52 17.15
C ARG B 426 -16.81 17.41 16.19
N ASP B 427 -17.60 16.76 15.34
CA ASP B 427 -18.44 17.45 14.36
C ASP B 427 -17.62 18.39 13.49
N ALA B 428 -16.46 17.89 13.08
CA ALA B 428 -15.60 18.74 12.23
C ALA B 428 -16.05 18.68 10.78
N GLN B 429 -15.56 19.64 10.03
CA GLN B 429 -15.91 19.73 8.62
C GLN B 429 -14.65 19.80 7.79
N ILE B 430 -14.62 19.07 6.68
CA ILE B 430 -13.38 18.87 5.92
C ILE B 430 -13.46 19.64 4.60
N GLY B 431 -12.30 20.06 4.11
CA GLY B 431 -12.18 20.70 2.83
C GLY B 431 -10.77 20.52 2.31
N TRP B 432 -10.60 20.78 1.01
CA TRP B 432 -9.29 20.58 0.35
C TRP B 432 -8.93 21.79 -0.51
N ILE B 433 -7.65 22.16 -0.53
CA ILE B 433 -7.15 23.26 -1.36
C ILE B 433 -5.91 22.77 -2.10
N GLN B 434 -5.94 22.89 -3.43
CA GLN B 434 -4.81 22.48 -4.26
C GLN B 434 -4.10 23.72 -4.80
N THR B 435 -2.77 23.76 -4.64
CA THR B 435 -1.97 24.90 -5.03
C THR B 435 -0.91 24.45 -6.02
N VAL B 436 -0.85 25.12 -7.17
CA VAL B 436 0.07 24.76 -8.25
C VAL B 436 1.26 25.71 -8.23
N GLU B 437 2.46 25.13 -8.32
CA GLU B 437 3.71 25.94 -8.30
C GLU B 437 3.77 26.81 -9.57
N ASP B 438 3.51 28.11 -9.43
CA ASP B 438 3.58 29.03 -10.60
C ASP B 438 4.99 28.98 -11.18
N LEU B 439 5.11 28.71 -12.49
CA LEU B 439 6.44 28.62 -13.14
C LEU B 439 6.44 29.47 -14.41
N GLY B 457 8.84 18.05 -13.52
CA GLY B 457 7.44 17.88 -13.96
C GLY B 457 6.81 19.21 -14.33
N PRO B 458 5.51 19.26 -14.69
CA PRO B 458 4.86 20.50 -15.12
C PRO B 458 4.91 21.56 -14.01
N SER B 459 4.59 21.17 -12.77
CA SER B 459 4.63 22.10 -11.62
C SER B 459 4.51 21.29 -10.33
N ARG B 460 5.19 21.71 -9.27
CA ARG B 460 5.16 20.95 -8.02
C ARG B 460 3.87 21.27 -7.28
N VAL B 461 2.77 20.69 -7.75
CA VAL B 461 1.49 20.90 -7.10
C VAL B 461 1.55 20.38 -5.67
N ALA B 462 0.64 20.88 -4.83
CA ALA B 462 0.62 20.49 -3.42
C ALA B 462 -0.80 20.63 -2.90
N GLN B 463 -1.26 19.64 -2.14
CA GLN B 463 -2.59 19.68 -1.57
C GLN B 463 -2.51 20.00 -0.08
N PHE B 464 -3.56 20.65 0.43
CA PHE B 464 -3.62 21.02 1.86
C PHE B 464 -4.99 20.67 2.42
N LEU B 465 -5.03 19.93 3.54
CA LEU B 465 -6.32 19.54 4.18
C LEU B 465 -6.79 20.67 5.10
N VAL B 466 -8.08 21.02 5.04
CA VAL B 466 -8.64 22.07 5.94
C VAL B 466 -9.49 21.38 7.01
N ILE B 467 -9.27 21.71 8.30
CA ILE B 467 -10.13 21.13 9.37
C ILE B 467 -10.83 22.28 10.09
N TYR B 468 -12.17 22.24 10.15
CA TYR B 468 -12.93 23.31 10.86
C TYR B 468 -13.57 22.72 12.11
N ALA B 469 -13.06 23.10 13.29
CA ALA B 469 -13.68 22.64 14.56
C ALA B 469 -14.72 23.69 14.98
N PRO B 470 -16.04 23.41 14.92
CA PRO B 470 -17.05 24.44 15.22
C PRO B 470 -17.16 24.78 16.70
N ARG B 471 -16.97 23.80 17.57
CA ARG B 471 -17.11 24.05 19.01
C ARG B 471 -16.03 25.00 19.50
N ARG B 472 -14.77 24.71 19.17
CA ARG B 472 -13.67 25.62 19.46
C ARG B 472 -13.69 26.83 18.54
N GLY B 473 -14.43 26.76 17.44
CA GLY B 473 -14.49 27.86 16.50
C GLY B 473 -13.17 28.15 15.82
N ILE B 474 -12.53 27.09 15.34
CA ILE B 474 -11.18 27.25 14.73
C ILE B 474 -11.15 26.64 13.32
N LEU B 475 -10.29 27.18 12.46
CA LEU B 475 -10.11 26.69 11.10
C LEU B 475 -8.64 26.38 10.90
N GLU B 476 -8.32 25.11 10.63
CA GLU B 476 -6.95 24.65 10.57
C GLU B 476 -6.62 24.21 9.16
N VAL B 477 -5.38 24.46 8.73
CA VAL B 477 -4.92 24.03 7.38
C VAL B 477 -3.80 22.99 7.56
N TRP B 478 -4.09 21.72 7.30
CA TRP B 478 -3.08 20.65 7.47
C TRP B 478 -2.44 20.32 6.11
N SER B 479 -1.42 19.46 6.10
CA SER B 479 -0.76 19.07 4.84
C SER B 479 -1.62 18.00 4.13
N THR B 480 -1.28 17.67 2.88
CA THR B 480 -2.02 16.61 2.14
C THR B 480 -1.98 15.31 2.94
N GLN B 481 -0.80 14.94 3.48
CA GLN B 481 -0.67 13.73 4.31
C GLN B 481 0.04 14.10 5.62
N GLN B 482 1.36 14.27 5.59
CA GLN B 482 2.14 14.61 6.81
C GLN B 482 2.79 15.98 6.64
N GLY B 483 3.07 16.67 7.75
CA GLY B 483 3.65 18.03 7.70
C GLY B 483 3.04 18.90 8.79
N PRO B 484 3.62 20.06 9.17
CA PRO B 484 3.08 20.84 10.27
C PRO B 484 1.79 21.55 9.89
N ARG B 485 1.09 22.02 10.91
CA ARG B 485 -0.13 22.80 10.71
C ARG B 485 0.22 24.10 10.01
N VAL B 486 -0.12 24.20 8.72
CA VAL B 486 0.29 25.35 7.92
C VAL B 486 -0.38 26.62 8.43
N GLY B 487 -1.64 26.53 8.83
CA GLY B 487 -2.33 27.74 9.28
C GLY B 487 -3.41 27.42 10.29
N ALA B 488 -3.74 28.43 11.10
CA ALA B 488 -4.81 28.29 12.08
C ALA B 488 -5.44 29.65 12.31
N PHE B 489 -6.73 29.77 11.99
CA PHE B 489 -7.47 31.02 12.10
C PHE B 489 -8.63 30.87 13.05
N ASN B 490 -8.92 31.94 13.78
CA ASN B 490 -10.05 31.96 14.71
C ASN B 490 -11.22 32.66 14.04
N VAL B 491 -12.26 31.89 13.70
CA VAL B 491 -13.46 32.43 13.11
C VAL B 491 -14.60 32.14 14.08
N GLY B 492 -15.83 32.51 13.71
CA GLY B 492 -16.95 32.28 14.59
C GLY B 492 -17.22 30.81 14.84
N LYS B 493 -17.91 30.53 15.94
CA LYS B 493 -18.33 29.17 16.24
C LYS B 493 -19.50 28.71 15.39
N HIS B 494 -20.14 29.61 14.63
CA HIS B 494 -21.35 29.30 13.90
C HIS B 494 -21.19 29.46 12.39
N CYS B 495 -19.96 29.43 11.89
CA CYS B 495 -19.71 29.56 10.46
C CYS B 495 -20.13 28.28 9.74
N ARG B 496 -19.85 28.25 8.44
CA ARG B 496 -20.03 27.01 7.69
C ARG B 496 -18.98 26.93 6.59
N LEU B 497 -18.36 25.74 6.49
CA LEU B 497 -17.32 25.50 5.45
C LEU B 497 -17.95 24.73 4.30
N LEU B 498 -18.04 25.36 3.12
CA LEU B 498 -18.60 24.75 1.92
C LEU B 498 -17.48 24.32 0.99
N TYR B 499 -17.54 23.07 0.55
CA TYR B 499 -16.56 22.48 -0.36
C TYR B 499 -17.33 21.71 -1.41
N PRO B 500 -17.56 22.30 -2.59
CA PRO B 500 -18.43 21.64 -3.58
C PRO B 500 -17.80 20.38 -4.16
N GLY B 501 -16.56 20.48 -4.62
CA GLY B 501 -15.91 19.34 -5.22
C GLY B 501 -16.21 19.11 -6.69
N TYR B 502 -16.71 20.12 -7.39
CA TYR B 502 -16.99 20.00 -8.82
C TYR B 502 -16.85 21.36 -9.47
N LYS B 503 -16.97 21.36 -10.79
CA LYS B 503 -16.71 22.54 -11.62
C LYS B 503 -17.84 22.66 -12.64
N ILE B 504 -17.62 23.49 -13.66
CA ILE B 504 -18.65 23.71 -14.68
C ILE B 504 -18.90 22.43 -15.44
N MET B 505 -20.18 22.05 -15.53
CA MET B 505 -20.58 20.78 -16.13
C MET B 505 -20.70 20.91 -17.63
N GLY B 506 -20.39 19.82 -18.33
CA GLY B 506 -20.53 19.76 -19.78
C GLY B 506 -19.32 20.18 -20.56
N LEU B 507 -18.28 20.71 -19.91
CA LEU B 507 -17.07 21.08 -20.61
C LEU B 507 -16.33 19.84 -21.09
N ASN B 508 -15.42 20.05 -22.04
CA ASN B 508 -14.57 18.97 -22.55
C ASN B 508 -13.15 19.52 -22.65
N ASN B 509 -12.26 18.72 -23.22
CA ASN B 509 -10.81 19.10 -23.22
C ASN B 509 -10.55 20.43 -23.91
N VAL B 510 -10.85 20.56 -25.20
CA VAL B 510 -10.42 21.73 -25.95
C VAL B 510 -11.06 22.99 -25.39
N THR B 511 -12.30 22.89 -24.91
CA THR B 511 -12.98 24.05 -24.34
C THR B 511 -12.30 24.53 -23.06
N SER B 512 -11.75 23.61 -22.26
CA SER B 512 -11.21 23.97 -20.96
C SER B 512 -9.99 24.86 -21.09
N GLN B 513 -9.00 24.46 -21.91
CA GLN B 513 -7.78 25.23 -22.04
C GLN B 513 -7.94 26.46 -22.94
N SER B 514 -8.94 26.48 -23.81
CA SER B 514 -9.17 27.66 -24.64
C SER B 514 -9.51 28.87 -23.79
N TRP B 515 -10.45 28.69 -22.86
CA TRP B 515 -10.81 29.75 -21.92
C TRP B 515 -11.66 29.14 -20.82
N GLN B 516 -11.55 29.70 -19.60
CA GLN B 516 -12.34 29.21 -18.49
C GLN B 516 -12.56 30.35 -17.50
N PRO B 517 -13.75 30.48 -16.92
CA PRO B 517 -13.97 31.54 -15.93
C PRO B 517 -13.50 31.13 -14.54
N GLN B 518 -13.75 32.00 -13.55
CA GLN B 518 -13.24 31.80 -12.19
C GLN B 518 -14.13 30.84 -11.43
N THR B 519 -13.51 29.90 -10.73
CA THR B 519 -14.21 28.93 -9.88
C THR B 519 -13.41 28.73 -8.61
N TYR B 520 -14.09 28.75 -7.47
CA TYR B 520 -13.41 28.64 -6.18
C TYR B 520 -13.27 27.18 -5.77
N GLN B 521 -12.62 26.96 -4.64
CA GLN B 521 -12.44 25.63 -4.07
C GLN B 521 -13.21 25.44 -2.77
N ILE B 522 -13.03 26.32 -1.79
CA ILE B 522 -13.82 26.30 -0.56
C ILE B 522 -14.27 27.71 -0.24
N CYS B 523 -15.37 27.80 0.50
CA CYS B 523 -15.88 29.07 1.01
C CYS B 523 -16.29 28.92 2.46
N LEU B 524 -16.27 30.03 3.18
CA LEU B 524 -16.68 30.09 4.58
C LEU B 524 -17.78 31.13 4.69
N VAL B 525 -18.99 30.69 5.04
CA VAL B 525 -20.14 31.59 5.17
C VAL B 525 -20.34 31.91 6.65
N ASP B 526 -20.52 33.19 6.96
CA ASP B 526 -20.62 33.59 8.39
C ASP B 526 -21.95 34.30 8.65
N PRO B 527 -22.72 33.91 9.69
CA PRO B 527 -23.98 34.60 10.03
C PRO B 527 -23.76 35.97 10.68
N VAL B 528 -22.82 36.06 11.62
CA VAL B 528 -22.60 37.33 12.38
C VAL B 528 -22.31 38.46 11.38
N SER B 529 -21.42 38.19 10.42
CA SER B 529 -21.06 39.23 9.41
C SER B 529 -21.95 39.09 8.17
N GLY B 530 -22.78 38.04 8.13
CA GLY B 530 -23.60 37.80 6.92
C GLY B 530 -22.73 37.91 5.68
N SER B 531 -21.62 37.17 5.63
CA SER B 531 -20.68 37.34 4.50
C SER B 531 -20.10 35.99 4.04
N VAL B 532 -19.48 35.97 2.85
CA VAL B 532 -18.88 34.76 2.30
C VAL B 532 -17.42 35.08 1.98
N LYS B 533 -16.54 34.30 2.61
CA LYS B 533 -15.09 34.56 2.44
C LYS B 533 -14.40 33.34 1.84
N THR B 534 -13.18 33.52 1.37
CA THR B 534 -12.36 32.48 0.78
C THR B 534 -11.02 32.42 1.48
N VAL B 535 -10.38 31.25 1.35
CA VAL B 535 -9.06 31.00 2.00
C VAL B 535 -8.01 30.86 0.90
N ASN B 536 -6.89 31.56 1.03
CA ASN B 536 -5.79 31.46 0.09
C ASN B 536 -4.54 31.01 0.83
N VAL B 537 -3.84 30.03 0.27
CA VAL B 537 -2.63 29.49 0.87
C VAL B 537 -1.52 29.48 -0.17
N PRO B 538 -0.40 30.17 0.05
CA PRO B 538 0.70 30.11 -0.92
C PRO B 538 1.32 28.73 -0.97
N PHE B 539 1.93 28.41 -2.12
CA PHE B 539 2.54 27.10 -2.28
C PHE B 539 3.88 27.00 -1.55
N HIS B 540 4.62 28.10 -1.42
CA HIS B 540 5.99 28.04 -0.93
C HIS B 540 6.10 27.44 0.46
N LEU B 541 5.09 27.67 1.32
CA LEU B 541 5.13 27.16 2.71
C LEU B 541 5.37 25.64 2.71
N ALA B 542 4.87 24.94 1.68
CA ALA B 542 4.98 23.46 1.64
C ALA B 542 6.46 23.05 1.72
N LEU B 543 7.34 23.78 1.04
CA LEU B 543 8.78 23.41 1.01
C LEU B 543 9.30 23.21 2.44
N SER B 544 8.89 24.07 3.38
CA SER B 544 9.36 23.96 4.77
C SER B 544 10.83 23.54 4.85
#